data_7YIZ
#
_entry.id   7YIZ
#
_cell.length_a   63.335
_cell.length_b   112.056
_cell.length_c   157.792
_cell.angle_alpha   90.000
_cell.angle_beta   90.000
_cell.angle_gamma   90.000
#
_symmetry.space_group_name_H-M   'P 21 21 21'
#
loop_
_entity.id
_entity.type
_entity.pdbx_description
1 polymer '15-2b light chain'
2 polymer '15-2b W104Y heavy chain'
3 non-polymer 2,5,8,11,14,17-HEXAOXANONADECAN-19-OL
4 water water
#
loop_
_entity_poly.entity_id
_entity_poly.type
_entity_poly.pdbx_seq_one_letter_code
_entity_poly.pdbx_strand_id
1 'polypeptide(L)'
;DIQMTQSPSSLSASVGDRVTITCKASQDVNTAVAWYQQKPGKAPKLLIYWASTRHTGVPSRFSGSGSGTDFTFTISSLQP
EDIATYYCLQYINYPYTFGQGTKLEIKRTVAAPSVFIFPPSDEQLKSGTASVVCLLNNFYPREAKVQWKVDNALQSGNSQ
ESVTEQDSKDSTYSLSSTLTLSKADYEKHKVYACEVTHQGLSSPVTKSFNRGEC
;
A,C
2 'polypeptide(L)'
;EVQLVESGGGLVQPGGSLKLSCAASGFTFSNYWMNWVRQASGKGLEWVGEIRSKSNNYATHYAESVKGRFTISRDDSKNT
AYLQMNSLKTEDTAVYYCSNRYYYGQGTLVTVSSASTKGPSVFPLAPSSKSTSGGTAALGCLVKDYFPEPVTVSWNSGAL
TSGVHTFPAVLQSSGLYSLSSVVTVPSSSLGTQTYICNVNHKPSNTKVDKKVEPKSCDKTGGSHHHHHH
;
B,D
#
loop_
_chem_comp.id
_chem_comp.type
_chem_comp.name
_chem_comp.formula
P15 non-polymer 2,5,8,11,14,17-HEXAOXANONADECAN-19-OL 'C13 H28 O7'
#
# COMPACT_ATOMS: atom_id res chain seq x y z
N ASP A 1 -34.65 -5.05 16.52
CA ASP A 1 -33.90 -5.62 15.36
C ASP A 1 -34.70 -6.79 14.77
N ILE A 2 -35.32 -6.58 13.61
CA ILE A 2 -36.18 -7.59 12.91
C ILE A 2 -35.29 -8.71 12.37
N GLN A 3 -35.44 -9.93 12.88
CA GLN A 3 -34.76 -11.16 12.38
C GLN A 3 -35.36 -11.54 11.03
N MET A 4 -34.51 -12.03 10.12
CA MET A 4 -34.94 -12.74 8.89
C MET A 4 -34.26 -14.10 8.93
N THR A 5 -35.01 -15.18 9.14
CA THR A 5 -34.44 -16.56 9.11
C THR A 5 -34.97 -17.24 7.83
N GLN A 6 -34.03 -17.58 6.95
CA GLN A 6 -34.26 -18.24 5.63
C GLN A 6 -34.31 -19.75 5.86
N SER A 7 -35.07 -20.45 5.02
CA SER A 7 -35.18 -21.94 4.98
C SER A 7 -35.17 -22.41 3.54
N PRO A 8 -34.31 -23.39 3.17
CA PRO A 8 -33.24 -23.89 4.05
C PRO A 8 -31.92 -23.08 3.97
N SER A 9 -30.92 -23.47 4.77
CA SER A 9 -29.56 -22.89 4.77
C SER A 9 -28.87 -23.16 3.43
N SER A 10 -28.94 -24.42 2.98
CA SER A 10 -28.43 -24.88 1.67
C SER A 10 -29.41 -25.88 1.08
N LEU A 11 -29.37 -26.01 -0.23
CA LEU A 11 -30.31 -26.85 -1.01
C LEU A 11 -29.54 -27.38 -2.23
N SER A 12 -29.67 -28.69 -2.46
CA SER A 12 -29.26 -29.39 -3.70
C SER A 12 -30.50 -29.70 -4.55
N ALA A 13 -30.45 -29.44 -5.86
CA ALA A 13 -31.59 -29.57 -6.79
C ALA A 13 -31.07 -29.83 -8.20
N SER A 14 -31.82 -30.54 -9.04
CA SER A 14 -31.35 -30.91 -10.41
C SER A 14 -31.71 -29.78 -11.36
N VAL A 15 -30.95 -29.63 -12.45
CA VAL A 15 -31.28 -28.69 -13.56
C VAL A 15 -32.74 -28.94 -13.99
N GLY A 16 -33.57 -27.91 -14.00
CA GLY A 16 -34.98 -27.99 -14.48
C GLY A 16 -35.98 -28.11 -13.33
N ASP A 17 -35.51 -28.47 -12.13
CA ASP A 17 -36.39 -28.54 -10.93
C ASP A 17 -36.95 -27.15 -10.63
N ARG A 18 -38.16 -27.15 -10.09
CA ARG A 18 -38.76 -25.99 -9.41
C ARG A 18 -38.07 -25.94 -8.04
N VAL A 19 -37.43 -24.81 -7.74
CA VAL A 19 -36.74 -24.54 -6.45
C VAL A 19 -37.58 -23.51 -5.70
N THR A 20 -37.73 -23.68 -4.38
CA THR A 20 -38.55 -22.84 -3.49
C THR A 20 -37.77 -22.57 -2.20
N ILE A 21 -37.54 -21.28 -1.88
CA ILE A 21 -36.86 -20.81 -0.64
C ILE A 21 -37.85 -19.93 0.12
N THR A 22 -37.93 -20.11 1.45
CA THR A 22 -38.80 -19.31 2.35
C THR A 22 -37.93 -18.46 3.25
N CYS A 23 -38.45 -17.31 3.68
CA CYS A 23 -37.82 -16.38 4.64
C CYS A 23 -38.90 -15.92 5.64
N LYS A 24 -38.66 -16.16 6.93
CA LYS A 24 -39.56 -15.82 8.07
C LYS A 24 -39.06 -14.56 8.78
N ALA A 25 -39.84 -13.48 8.74
CA ALA A 25 -39.62 -12.21 9.49
C ALA A 25 -40.26 -12.31 10.87
N SER A 26 -39.48 -12.05 11.93
CA SER A 26 -39.84 -12.11 13.37
C SER A 26 -40.92 -11.07 13.75
N GLN A 27 -41.23 -10.11 12.87
CA GLN A 27 -42.36 -9.14 13.00
C GLN A 27 -42.96 -8.89 11.62
N ASP A 28 -44.16 -8.33 11.57
CA ASP A 28 -44.82 -7.87 10.32
C ASP A 28 -43.86 -6.90 9.62
N VAL A 29 -43.57 -7.14 8.34
CA VAL A 29 -42.75 -6.25 7.46
C VAL A 29 -43.51 -5.98 6.16
N ASN A 30 -44.82 -6.21 6.18
CA ASN A 30 -45.73 -5.81 5.08
C ASN A 30 -45.20 -6.49 3.80
N THR A 31 -44.99 -5.74 2.70
CA THR A 31 -44.34 -6.27 1.47
C THR A 31 -42.91 -5.71 1.33
N ALA A 32 -42.35 -5.10 2.39
CA ALA A 32 -41.04 -4.41 2.35
C ALA A 32 -39.90 -5.45 2.51
N VAL A 33 -39.85 -6.41 1.59
CA VAL A 33 -38.85 -7.51 1.53
C VAL A 33 -38.25 -7.53 0.13
N ALA A 34 -36.92 -7.63 0.03
CA ALA A 34 -36.21 -7.84 -1.25
C ALA A 34 -35.54 -9.22 -1.25
N TRP A 35 -35.29 -9.75 -2.45
CA TRP A 35 -34.48 -10.96 -2.71
C TRP A 35 -33.27 -10.66 -3.60
N TYR A 36 -32.15 -11.29 -3.26
CA TYR A 36 -30.79 -11.08 -3.83
C TYR A 36 -30.16 -12.42 -4.21
N GLN A 37 -29.54 -12.45 -5.39
CA GLN A 37 -28.65 -13.53 -5.87
C GLN A 37 -27.22 -13.02 -5.71
N GLN A 38 -26.33 -13.80 -5.13
CA GLN A 38 -24.86 -13.57 -5.18
C GLN A 38 -24.18 -14.82 -5.75
N LYS A 39 -23.84 -14.77 -7.04
CA LYS A 39 -22.99 -15.80 -7.70
C LYS A 39 -21.60 -15.73 -7.07
N PRO A 40 -20.76 -16.79 -7.18
CA PRO A 40 -19.41 -16.77 -6.61
C PRO A 40 -18.47 -15.71 -7.20
N GLY A 41 -17.88 -14.87 -6.34
CA GLY A 41 -16.89 -13.83 -6.72
C GLY A 41 -17.55 -12.55 -7.24
N LYS A 42 -18.88 -12.47 -7.24
CA LYS A 42 -19.64 -11.36 -7.86
C LYS A 42 -20.31 -10.50 -6.77
N ALA A 43 -20.82 -9.34 -7.18
CA ALA A 43 -21.63 -8.43 -6.34
C ALA A 43 -23.02 -9.03 -6.17
N PRO A 44 -23.71 -8.77 -5.04
CA PRO A 44 -25.14 -9.04 -4.94
C PRO A 44 -25.89 -8.41 -6.13
N LYS A 45 -26.82 -9.17 -6.71
CA LYS A 45 -27.80 -8.70 -7.73
C LYS A 45 -29.19 -8.68 -7.07
N LEU A 46 -29.91 -7.55 -7.12
CA LEU A 46 -31.33 -7.45 -6.71
C LEU A 46 -32.17 -8.19 -7.75
N LEU A 47 -32.97 -9.16 -7.30
CA LEU A 47 -33.93 -9.91 -8.16
C LEU A 47 -35.36 -9.38 -7.91
N ILE A 48 -35.80 -9.43 -6.66
CA ILE A 48 -37.19 -9.08 -6.27
C ILE A 48 -37.14 -8.03 -5.15
N TYR A 49 -37.99 -7.01 -5.25
CA TYR A 49 -38.32 -6.07 -4.14
C TYR A 49 -39.84 -5.88 -4.12
N TRP A 50 -40.34 -5.16 -3.09
CA TRP A 50 -41.78 -5.15 -2.71
C TRP A 50 -42.33 -6.58 -2.81
N ALA A 51 -41.61 -7.54 -2.19
CA ALA A 51 -41.98 -8.96 -1.99
C ALA A 51 -42.21 -9.70 -3.32
N SER A 52 -42.68 -9.04 -4.37
CA SER A 52 -43.12 -9.71 -5.62
C SER A 52 -42.75 -8.92 -6.88
N THR A 53 -42.15 -7.73 -6.81
CA THR A 53 -41.81 -6.99 -8.06
C THR A 53 -40.45 -7.47 -8.57
N ARG A 54 -40.43 -7.94 -9.82
CA ARG A 54 -39.18 -8.34 -10.52
C ARG A 54 -38.44 -7.07 -10.93
N HIS A 55 -37.17 -6.93 -10.55
CA HIS A 55 -36.25 -5.84 -10.98
C HIS A 55 -36.01 -5.99 -12.48
N THR A 56 -35.79 -4.90 -13.21
CA THR A 56 -35.70 -4.89 -14.69
C THR A 56 -34.57 -5.81 -15.16
N GLY A 57 -34.75 -6.49 -16.31
CA GLY A 57 -33.73 -7.33 -16.97
C GLY A 57 -33.58 -8.73 -16.36
N VAL A 58 -34.04 -8.90 -15.11
CA VAL A 58 -34.08 -10.19 -14.34
C VAL A 58 -34.96 -11.20 -15.08
N PRO A 59 -34.54 -12.48 -15.19
CA PRO A 59 -35.34 -13.51 -15.84
C PRO A 59 -36.65 -13.86 -15.11
N SER A 60 -37.74 -13.96 -15.89
CA SER A 60 -39.12 -14.31 -15.44
C SER A 60 -39.13 -15.58 -14.56
N ARG A 61 -38.18 -16.50 -14.74
CA ARG A 61 -38.14 -17.80 -13.99
C ARG A 61 -37.96 -17.55 -12.48
N PHE A 62 -37.60 -16.32 -12.08
CA PHE A 62 -37.47 -15.92 -10.66
C PHE A 62 -38.76 -15.19 -10.28
N SER A 63 -39.31 -15.53 -9.12
CA SER A 63 -40.54 -14.91 -8.59
C SER A 63 -40.48 -14.89 -7.06
N GLY A 64 -41.12 -13.88 -6.49
CA GLY A 64 -41.33 -13.75 -5.04
C GLY A 64 -42.81 -13.56 -4.74
N SER A 65 -43.23 -13.98 -3.56
CA SER A 65 -44.60 -13.77 -3.02
C SER A 65 -44.47 -13.66 -1.51
N GLY A 66 -45.54 -13.23 -0.84
CA GLY A 66 -45.57 -13.04 0.62
C GLY A 66 -46.09 -11.67 0.99
N SER A 67 -46.40 -11.51 2.27
CA SER A 67 -47.10 -10.35 2.88
C SER A 67 -47.21 -10.62 4.38
N GLY A 68 -46.71 -9.71 5.20
CA GLY A 68 -46.70 -9.86 6.66
C GLY A 68 -45.36 -10.39 7.12
N THR A 69 -45.29 -11.67 7.53
CA THR A 69 -44.09 -12.32 8.11
C THR A 69 -43.50 -13.37 7.15
N ASP A 70 -44.31 -14.00 6.29
CA ASP A 70 -43.90 -15.19 5.51
C ASP A 70 -43.80 -14.84 4.03
N PHE A 71 -42.63 -15.15 3.43
CA PHE A 71 -42.21 -14.74 2.06
C PHE A 71 -41.54 -15.96 1.40
N THR A 72 -41.65 -16.02 0.07
CA THR A 72 -41.23 -17.19 -0.73
C THR A 72 -40.51 -16.68 -1.97
N PHE A 73 -39.40 -17.33 -2.29
CA PHE A 73 -38.60 -17.09 -3.50
C PHE A 73 -38.63 -18.37 -4.32
N THR A 74 -39.04 -18.27 -5.57
CA THR A 74 -39.21 -19.43 -6.46
C THR A 74 -38.35 -19.24 -7.70
N ILE A 75 -37.65 -20.29 -8.08
CA ILE A 75 -37.07 -20.51 -9.43
C ILE A 75 -37.91 -21.60 -10.08
N SER A 76 -38.54 -21.28 -11.21
CA SER A 76 -39.56 -22.16 -11.87
C SER A 76 -38.84 -23.34 -12.53
N SER A 77 -37.71 -23.08 -13.19
CA SER A 77 -36.88 -24.10 -13.88
C SER A 77 -35.39 -23.78 -13.67
N LEU A 78 -34.78 -24.42 -12.68
CA LEU A 78 -33.40 -24.19 -12.22
C LEU A 78 -32.42 -24.37 -13.39
N GLN A 79 -31.67 -23.32 -13.71
CA GLN A 79 -30.67 -23.35 -14.80
C GLN A 79 -29.28 -23.57 -14.19
N PRO A 80 -28.29 -24.00 -15.00
CA PRO A 80 -26.94 -24.23 -14.48
C PRO A 80 -26.28 -22.95 -13.91
N GLU A 81 -26.62 -21.78 -14.49
CA GLU A 81 -26.01 -20.48 -14.11
C GLU A 81 -26.68 -19.93 -12.84
N ASP A 82 -27.65 -20.64 -12.26
CA ASP A 82 -28.36 -20.15 -11.04
C ASP A 82 -27.66 -20.61 -9.76
N ILE A 83 -26.51 -21.28 -9.88
CA ILE A 83 -25.63 -21.62 -8.73
C ILE A 83 -25.23 -20.29 -8.08
N ALA A 84 -25.55 -20.12 -6.80
CA ALA A 84 -25.41 -18.84 -6.06
C ALA A 84 -25.84 -19.02 -4.60
N THR A 85 -25.67 -17.98 -3.78
CA THR A 85 -26.32 -17.85 -2.47
C THR A 85 -27.42 -16.77 -2.59
N TYR A 86 -28.61 -17.07 -2.07
CA TYR A 86 -29.82 -16.22 -2.20
C TYR A 86 -30.10 -15.57 -0.84
N TYR A 87 -30.41 -14.28 -0.86
CA TYR A 87 -30.57 -13.48 0.37
C TYR A 87 -31.95 -12.80 0.34
N CYS A 88 -32.63 -12.89 1.48
CA CYS A 88 -33.84 -12.06 1.79
C CYS A 88 -33.34 -10.91 2.66
N LEU A 89 -33.96 -9.74 2.49
CA LEU A 89 -33.70 -8.52 3.30
C LEU A 89 -35.06 -7.90 3.64
N GLN A 90 -35.17 -7.39 4.86
CA GLN A 90 -36.32 -6.59 5.37
C GLN A 90 -35.95 -5.09 5.31
N TYR A 91 -36.76 -4.24 4.67
CA TYR A 91 -36.52 -2.78 4.61
C TYR A 91 -37.73 -1.96 5.08
N ILE A 92 -38.41 -2.40 6.15
CA ILE A 92 -39.61 -1.69 6.71
C ILE A 92 -39.10 -0.68 7.75
N ASN A 93 -38.27 -1.12 8.70
CA ASN A 93 -37.63 -0.29 9.75
C ASN A 93 -36.11 -0.33 9.57
N TYR A 94 -35.43 0.75 9.97
CA TYR A 94 -34.00 0.72 10.34
C TYR A 94 -33.86 -0.11 11.62
N PRO A 95 -32.77 -0.88 11.82
CA PRO A 95 -31.77 -1.15 10.79
C PRO A 95 -32.23 -2.25 9.82
N TYR A 96 -32.01 -2.08 8.52
CA TYR A 96 -32.27 -3.12 7.48
C TYR A 96 -31.46 -4.37 7.84
N THR A 97 -32.06 -5.55 7.72
CA THR A 97 -31.45 -6.85 8.12
C THR A 97 -31.54 -7.83 6.95
N PHE A 98 -30.46 -8.57 6.71
CA PHE A 98 -30.38 -9.70 5.76
C PHE A 98 -30.72 -10.98 6.50
N GLY A 99 -31.29 -11.96 5.81
CA GLY A 99 -31.25 -13.38 6.21
C GLY A 99 -29.85 -13.94 6.07
N GLN A 100 -29.60 -15.12 6.64
CA GLN A 100 -28.28 -15.79 6.68
C GLN A 100 -27.94 -16.32 5.28
N GLY A 101 -28.90 -16.34 4.36
CA GLY A 101 -28.72 -16.74 2.96
C GLY A 101 -28.90 -18.24 2.74
N THR A 102 -29.33 -18.63 1.54
CA THR A 102 -29.56 -20.04 1.15
C THR A 102 -28.57 -20.42 0.03
N LYS A 103 -27.66 -21.35 0.27
CA LYS A 103 -26.66 -21.73 -0.77
C LYS A 103 -27.26 -22.79 -1.70
N LEU A 104 -27.45 -22.45 -2.97
CA LEU A 104 -28.09 -23.34 -3.97
C LEU A 104 -27.01 -24.05 -4.77
N GLU A 105 -26.91 -25.38 -4.60
CA GLU A 105 -26.03 -26.31 -5.37
C GLU A 105 -26.86 -27.17 -6.32
N ILE A 106 -26.28 -27.61 -7.44
CA ILE A 106 -26.96 -28.41 -8.50
C ILE A 106 -26.55 -29.88 -8.39
N LYS A 107 -27.50 -30.82 -8.34
CA LYS A 107 -27.24 -32.28 -8.53
C LYS A 107 -27.07 -32.56 -10.02
N ARG A 108 -26.02 -33.30 -10.38
CA ARG A 108 -25.83 -33.81 -11.76
C ARG A 108 -25.26 -35.22 -11.68
N THR A 109 -25.01 -35.80 -12.85
CA THR A 109 -24.38 -37.14 -12.98
C THR A 109 -22.93 -37.06 -12.53
N VAL A 110 -22.37 -38.21 -12.17
CA VAL A 110 -20.96 -38.35 -11.69
C VAL A 110 -20.06 -37.98 -12.85
N ALA A 111 -19.00 -37.21 -12.59
CA ALA A 111 -17.94 -36.88 -13.58
C ALA A 111 -16.61 -37.05 -12.87
N ALA A 112 -15.79 -37.96 -13.37
CA ALA A 112 -14.46 -38.31 -12.83
C ALA A 112 -13.50 -37.14 -13.10
N PRO A 113 -12.64 -36.77 -12.14
CA PRO A 113 -11.61 -35.76 -12.39
C PRO A 113 -10.61 -36.15 -13.47
N SER A 114 -10.14 -35.17 -14.24
CA SER A 114 -8.82 -35.21 -14.89
C SER A 114 -7.79 -34.73 -13.88
N VAL A 115 -6.69 -35.48 -13.73
CA VAL A 115 -5.64 -35.28 -12.70
C VAL A 115 -4.34 -34.96 -13.42
N PHE A 116 -3.64 -33.95 -12.94
CA PHE A 116 -2.37 -33.45 -13.50
C PHE A 116 -1.45 -33.14 -12.33
N ILE A 117 -0.18 -33.51 -12.45
CA ILE A 117 0.84 -33.18 -11.42
C ILE A 117 1.80 -32.14 -12.02
N PHE A 118 2.28 -31.22 -11.18
CA PHE A 118 3.22 -30.14 -11.57
C PHE A 118 4.42 -30.15 -10.64
N PRO A 119 5.63 -30.33 -11.19
CA PRO A 119 6.85 -30.16 -10.40
C PRO A 119 7.04 -28.69 -10.04
N PRO A 120 7.80 -28.40 -8.97
CA PRO A 120 8.24 -27.03 -8.70
C PRO A 120 9.14 -26.52 -9.82
N SER A 121 9.04 -25.22 -10.12
CA SER A 121 9.88 -24.51 -11.12
C SER A 121 11.31 -24.45 -10.62
N ASP A 122 12.29 -24.38 -11.51
CA ASP A 122 13.70 -24.08 -11.10
C ASP A 122 13.74 -22.73 -10.37
N GLU A 123 12.95 -21.78 -10.85
CA GLU A 123 12.89 -20.38 -10.36
C GLU A 123 12.57 -20.39 -8.85
N GLN A 124 11.67 -21.26 -8.40
CA GLN A 124 11.19 -21.28 -6.99
C GLN A 124 12.22 -21.97 -6.09
N LEU A 125 12.92 -22.99 -6.60
CA LEU A 125 13.96 -23.76 -5.85
C LEU A 125 15.11 -22.83 -5.45
N LYS A 126 15.38 -21.78 -6.21
CA LYS A 126 16.32 -20.71 -5.80
C LYS A 126 15.91 -20.11 -4.44
N SER A 127 14.61 -20.08 -4.11
CA SER A 127 14.05 -19.45 -2.88
C SER A 127 14.20 -20.37 -1.66
N GLY A 128 14.58 -21.64 -1.84
CA GLY A 128 14.76 -22.60 -0.74
C GLY A 128 13.47 -23.36 -0.39
N THR A 129 12.37 -23.14 -1.13
CA THR A 129 11.07 -23.86 -0.97
C THR A 129 10.68 -24.52 -2.30
N ALA A 130 9.93 -25.62 -2.21
CA ALA A 130 9.44 -26.40 -3.37
C ALA A 130 7.94 -26.64 -3.21
N SER A 131 7.15 -26.17 -4.18
CA SER A 131 5.68 -26.33 -4.21
C SER A 131 5.34 -27.28 -5.36
N VAL A 132 4.74 -28.42 -5.03
CA VAL A 132 4.27 -29.45 -5.99
C VAL A 132 2.74 -29.38 -6.01
N VAL A 133 2.15 -29.31 -7.20
CA VAL A 133 0.71 -29.04 -7.34
C VAL A 133 0.04 -30.25 -8.03
N CYS A 134 -1.07 -30.69 -7.46
CA CYS A 134 -2.00 -31.70 -8.04
C CYS A 134 -3.31 -30.99 -8.41
N LEU A 135 -3.71 -31.06 -9.68
CA LEU A 135 -4.99 -30.48 -10.21
C LEU A 135 -5.97 -31.62 -10.46
N LEU A 136 -7.14 -31.58 -9.79
CA LEU A 136 -8.32 -32.42 -10.09
C LEU A 136 -9.34 -31.51 -10.80
N ASN A 137 -9.54 -31.73 -12.10
CA ASN A 137 -10.32 -30.83 -12.98
C ASN A 137 -11.69 -31.44 -13.33
N ASN A 138 -12.75 -30.67 -13.11
CA ASN A 138 -14.09 -30.88 -13.71
C ASN A 138 -14.63 -32.21 -13.24
N PHE A 139 -14.90 -32.33 -11.95
CA PHE A 139 -15.41 -33.57 -11.35
C PHE A 139 -16.70 -33.26 -10.59
N TYR A 140 -17.49 -34.30 -10.35
CA TYR A 140 -18.72 -34.26 -9.51
C TYR A 140 -18.98 -35.66 -9.00
N PRO A 141 -19.36 -35.87 -7.73
CA PRO A 141 -19.53 -34.78 -6.76
C PRO A 141 -18.23 -34.24 -6.14
N ARG A 142 -18.38 -33.29 -5.19
CA ARG A 142 -17.29 -32.52 -4.55
C ARG A 142 -16.32 -33.46 -3.81
N GLU A 143 -16.83 -34.41 -3.02
CA GLU A 143 -15.99 -35.31 -2.19
C GLU A 143 -14.89 -35.94 -3.06
N ALA A 144 -13.63 -35.70 -2.70
CA ALA A 144 -12.41 -36.14 -3.43
C ALA A 144 -11.27 -36.27 -2.42
N LYS A 145 -10.53 -37.37 -2.48
CA LYS A 145 -9.41 -37.65 -1.55
C LYS A 145 -8.10 -37.53 -2.35
N VAL A 146 -7.21 -36.64 -1.93
CA VAL A 146 -5.86 -36.44 -2.52
C VAL A 146 -4.84 -36.89 -1.48
N GLN A 147 -3.99 -37.84 -1.87
CA GLN A 147 -2.85 -38.31 -1.05
C GLN A 147 -1.57 -38.02 -1.82
N TRP A 148 -0.62 -37.39 -1.13
CA TRP A 148 0.75 -37.13 -1.61
C TRP A 148 1.68 -38.23 -1.10
N LYS A 149 2.53 -38.76 -1.97
CA LYS A 149 3.62 -39.68 -1.62
C LYS A 149 4.93 -39.11 -2.18
N VAL A 150 5.99 -39.17 -1.37
CA VAL A 150 7.39 -38.83 -1.77
C VAL A 150 8.27 -40.05 -1.46
N ASP A 151 8.85 -40.69 -2.48
CA ASP A 151 9.56 -41.99 -2.33
C ASP A 151 8.77 -42.87 -1.35
N ASN A 152 7.48 -43.05 -1.63
CA ASN A 152 6.59 -44.03 -0.97
C ASN A 152 6.06 -43.53 0.36
N ALA A 153 6.52 -42.40 0.86
CA ALA A 153 6.14 -41.91 2.21
C ALA A 153 4.93 -40.98 2.07
N LEU A 154 3.80 -41.36 2.65
CA LEU A 154 2.56 -40.55 2.68
C LEU A 154 2.89 -39.24 3.38
N GLN A 155 2.55 -38.11 2.75
CA GLN A 155 2.84 -36.74 3.25
C GLN A 155 1.59 -36.24 3.93
N SER A 156 1.70 -35.83 5.19
CA SER A 156 0.53 -35.39 5.97
C SER A 156 0.90 -34.12 6.73
N GLY A 157 0.11 -33.07 6.58
CA GLY A 157 0.31 -31.79 7.29
C GLY A 157 1.15 -30.79 6.51
N ASN A 158 1.71 -31.17 5.34
CA ASN A 158 2.49 -30.23 4.49
C ASN A 158 1.77 -30.01 3.14
N SER A 159 0.43 -30.05 3.13
CA SER A 159 -0.36 -29.70 1.92
C SER A 159 -1.61 -28.90 2.28
N GLN A 160 -2.13 -28.19 1.29
CA GLN A 160 -3.36 -27.36 1.41
C GLN A 160 -4.11 -27.44 0.09
N GLU A 161 -5.42 -27.63 0.19
CA GLU A 161 -6.36 -27.75 -0.94
C GLU A 161 -7.18 -26.47 -1.06
N SER A 162 -7.65 -26.22 -2.28
CA SER A 162 -8.64 -25.18 -2.65
C SER A 162 -9.61 -25.77 -3.67
N VAL A 163 -10.92 -25.61 -3.44
CA VAL A 163 -11.98 -26.09 -4.35
C VAL A 163 -12.69 -24.86 -4.93
N THR A 164 -12.83 -24.78 -6.26
CA THR A 164 -13.66 -23.73 -6.90
C THR A 164 -15.11 -24.03 -6.53
N GLU A 165 -15.98 -23.03 -6.73
CA GLU A 165 -17.45 -23.21 -6.66
C GLU A 165 -17.87 -23.95 -7.93
N GLN A 166 -19.06 -24.54 -7.89
CA GLN A 166 -19.65 -25.30 -9.02
C GLN A 166 -19.64 -24.43 -10.29
N ASP A 167 -19.12 -24.95 -11.39
CA ASP A 167 -19.08 -24.26 -12.71
C ASP A 167 -20.48 -23.85 -13.14
N SER A 168 -20.60 -22.66 -13.73
CA SER A 168 -21.88 -22.02 -14.15
C SER A 168 -22.53 -22.73 -15.34
N LYS A 169 -21.76 -23.52 -16.12
CA LYS A 169 -22.26 -24.28 -17.31
C LYS A 169 -22.39 -25.77 -16.98
N ASP A 170 -21.32 -26.45 -16.54
CA ASP A 170 -21.31 -27.93 -16.42
C ASP A 170 -21.50 -28.40 -14.98
N SER A 171 -21.61 -27.49 -14.01
CA SER A 171 -21.93 -27.83 -12.60
C SER A 171 -20.84 -28.70 -11.97
N THR A 172 -19.60 -28.66 -12.48
CA THR A 172 -18.46 -29.45 -11.97
C THR A 172 -17.65 -28.59 -10.98
N TYR A 173 -16.93 -29.26 -10.08
CA TYR A 173 -15.93 -28.68 -9.15
C TYR A 173 -14.56 -28.89 -9.76
N SER A 174 -13.61 -28.01 -9.47
CA SER A 174 -12.16 -28.31 -9.63
C SER A 174 -11.47 -28.14 -8.27
N LEU A 175 -10.36 -28.85 -8.07
CA LEU A 175 -9.59 -28.85 -6.80
C LEU A 175 -8.09 -28.77 -7.11
N SER A 176 -7.34 -27.91 -6.44
CA SER A 176 -5.86 -27.95 -6.50
C SER A 176 -5.33 -28.26 -5.10
N SER A 177 -4.37 -29.18 -5.02
CA SER A 177 -3.61 -29.51 -3.78
C SER A 177 -2.16 -29.06 -3.97
N THR A 178 -1.63 -28.28 -3.03
CA THR A 178 -0.19 -27.87 -3.03
C THR A 178 0.54 -28.54 -1.85
N LEU A 179 1.61 -29.28 -2.16
CA LEU A 179 2.57 -29.87 -1.20
C LEU A 179 3.80 -28.96 -1.14
N THR A 180 4.06 -28.37 0.02
CA THR A 180 5.18 -27.45 0.28
C THR A 180 6.26 -28.23 1.02
N LEU A 181 7.45 -28.30 0.43
CA LEU A 181 8.67 -28.91 0.99
C LEU A 181 9.79 -27.87 0.97
N SER A 182 10.76 -28.00 1.88
CA SER A 182 12.07 -27.32 1.75
C SER A 182 12.70 -27.81 0.44
N LYS A 183 13.55 -26.99 -0.19
CA LYS A 183 14.39 -27.42 -1.35
C LYS A 183 15.21 -28.65 -0.96
N ALA A 184 15.91 -28.58 0.17
CA ALA A 184 16.76 -29.67 0.72
C ALA A 184 15.94 -30.98 0.72
N ASP A 185 14.77 -30.99 1.36
CA ASP A 185 13.91 -32.20 1.44
C ASP A 185 13.56 -32.65 0.02
N TYR A 186 13.18 -31.72 -0.86
CA TYR A 186 12.80 -32.02 -2.27
C TYR A 186 13.96 -32.70 -3.01
N GLU A 187 15.17 -32.15 -2.91
CA GLU A 187 16.38 -32.59 -3.67
C GLU A 187 16.87 -33.96 -3.16
N LYS A 188 16.48 -34.38 -1.94
CA LYS A 188 16.84 -35.71 -1.36
C LYS A 188 15.91 -36.83 -1.86
N HIS A 189 14.79 -36.54 -2.55
CA HIS A 189 13.83 -37.60 -2.96
C HIS A 189 13.61 -37.59 -4.47
N LYS A 190 13.10 -38.69 -5.00
CA LYS A 190 13.05 -38.99 -6.46
C LYS A 190 11.59 -39.00 -6.96
N VAL A 191 10.70 -39.80 -6.35
CA VAL A 191 9.34 -40.05 -6.90
C VAL A 191 8.34 -39.12 -6.19
N TYR A 192 7.61 -38.34 -6.98
CA TYR A 192 6.56 -37.41 -6.48
C TYR A 192 5.22 -37.83 -7.12
N ALA A 193 4.27 -38.24 -6.28
CA ALA A 193 2.96 -38.83 -6.65
C ALA A 193 1.83 -38.13 -5.89
N CYS A 194 0.74 -37.78 -6.57
CA CYS A 194 -0.57 -37.62 -5.92
C CYS A 194 -1.49 -38.70 -6.45
N GLU A 195 -2.22 -39.33 -5.54
CA GLU A 195 -3.19 -40.41 -5.78
C GLU A 195 -4.57 -39.84 -5.47
N VAL A 196 -5.51 -39.99 -6.41
CA VAL A 196 -6.85 -39.36 -6.37
C VAL A 196 -7.89 -40.47 -6.31
N THR A 197 -8.67 -40.45 -5.25
CA THR A 197 -9.84 -41.32 -5.01
C THR A 197 -11.08 -40.46 -5.31
N HIS A 198 -11.98 -40.97 -6.13
CA HIS A 198 -13.24 -40.29 -6.50
C HIS A 198 -14.24 -41.33 -7.01
N GLN A 199 -15.53 -41.09 -6.72
CA GLN A 199 -16.66 -41.99 -7.08
C GLN A 199 -16.64 -42.36 -8.57
N GLY A 200 -16.21 -41.45 -9.45
CA GLY A 200 -16.26 -41.64 -10.92
C GLY A 200 -15.06 -42.39 -11.48
N LEU A 201 -14.13 -42.81 -10.62
CA LEU A 201 -12.97 -43.64 -11.00
C LEU A 201 -13.17 -45.05 -10.43
N SER A 202 -13.04 -46.09 -11.27
CA SER A 202 -13.22 -47.51 -10.88
C SER A 202 -12.17 -47.90 -9.85
N SER A 203 -11.00 -47.27 -9.90
CA SER A 203 -9.95 -47.37 -8.86
C SER A 203 -9.08 -46.11 -8.84
N PRO A 204 -8.35 -45.88 -7.73
CA PRO A 204 -7.55 -44.67 -7.57
C PRO A 204 -6.60 -44.40 -8.73
N VAL A 205 -6.57 -43.15 -9.22
CA VAL A 205 -5.68 -42.71 -10.31
C VAL A 205 -4.46 -42.00 -9.70
N THR A 206 -3.27 -42.35 -10.16
CA THR A 206 -1.99 -41.76 -9.67
C THR A 206 -1.29 -41.05 -10.83
N LYS A 207 -0.88 -39.81 -10.61
CA LYS A 207 0.00 -39.05 -11.51
C LYS A 207 1.31 -38.78 -10.77
N SER A 208 2.45 -38.96 -11.43
CA SER A 208 3.74 -38.78 -10.76
C SER A 208 4.82 -38.32 -11.73
N PHE A 209 5.93 -37.89 -11.16
CA PHE A 209 7.15 -37.50 -11.87
C PHE A 209 8.32 -37.92 -10.99
N ASN A 210 9.49 -38.06 -11.62
CA ASN A 210 10.77 -38.30 -10.93
C ASN A 210 11.50 -36.97 -11.02
N ARG A 211 11.96 -36.42 -9.89
CA ARG A 211 12.73 -35.15 -9.87
C ARG A 211 13.86 -35.25 -10.90
N GLY A 212 13.88 -34.33 -11.88
CA GLY A 212 14.86 -34.29 -13.00
C GLY A 212 14.57 -35.28 -14.13
N GLU A 213 13.58 -36.16 -13.96
CA GLU A 213 13.31 -37.36 -14.81
C GLU A 213 14.35 -38.45 -14.49
N GLU B 1 -25.53 0.20 -17.92
CA GLU B 1 -25.56 1.70 -18.04
C GLU B 1 -25.45 2.33 -16.65
N VAL B 2 -26.10 1.75 -15.63
CA VAL B 2 -25.87 2.09 -14.19
C VAL B 2 -24.50 1.52 -13.79
N GLN B 3 -23.61 2.36 -13.28
CA GLN B 3 -22.24 2.01 -12.82
C GLN B 3 -22.09 2.48 -11.38
N LEU B 4 -21.45 1.67 -10.52
CA LEU B 4 -21.05 2.03 -9.15
C LEU B 4 -19.62 1.53 -8.94
N VAL B 5 -18.66 2.45 -8.80
CA VAL B 5 -17.22 2.11 -8.71
C VAL B 5 -16.73 2.51 -7.31
N GLU B 6 -16.57 1.53 -6.41
CA GLU B 6 -15.93 1.69 -5.08
C GLU B 6 -14.42 1.92 -5.26
N SER B 7 -13.78 2.56 -4.29
CA SER B 7 -12.33 2.85 -4.26
C SER B 7 -11.97 3.27 -2.83
N GLY B 8 -10.69 3.13 -2.45
CA GLY B 8 -10.17 3.49 -1.12
C GLY B 8 -10.03 2.31 -0.18
N GLY B 9 -10.29 1.09 -0.66
CA GLY B 9 -10.10 -0.13 0.14
C GLY B 9 -8.63 -0.49 0.24
N GLY B 10 -8.21 -1.09 1.35
CA GLY B 10 -6.82 -1.55 1.51
C GLY B 10 -6.52 -2.00 2.93
N LEU B 11 -5.22 -2.14 3.23
CA LEU B 11 -4.70 -2.60 4.53
C LEU B 11 -4.68 -1.40 5.48
N VAL B 12 -5.02 -1.60 6.75
CA VAL B 12 -5.04 -0.50 7.75
C VAL B 12 -4.85 -1.09 9.15
N GLN B 13 -4.07 -0.41 9.99
CA GLN B 13 -3.81 -0.76 11.41
C GLN B 13 -5.14 -0.86 12.16
N PRO B 14 -5.31 -1.78 13.14
CA PRO B 14 -6.43 -1.72 14.07
C PRO B 14 -6.40 -0.38 14.82
N GLY B 15 -7.56 0.20 15.12
CA GLY B 15 -7.69 1.51 15.77
C GLY B 15 -7.64 2.64 14.74
N GLY B 16 -7.32 2.31 13.50
CA GLY B 16 -7.02 3.28 12.44
C GLY B 16 -8.29 3.69 11.73
N SER B 17 -8.16 4.40 10.61
CA SER B 17 -9.27 4.99 9.84
C SER B 17 -9.04 4.78 8.34
N LEU B 18 -10.10 4.84 7.56
CA LEU B 18 -10.04 4.71 6.08
C LEU B 18 -11.31 5.36 5.55
N LYS B 19 -11.24 5.98 4.37
CA LYS B 19 -12.42 6.59 3.70
C LYS B 19 -12.64 5.89 2.37
N LEU B 20 -13.79 5.21 2.22
CA LEU B 20 -14.28 4.59 0.96
C LEU B 20 -15.07 5.62 0.15
N SER B 21 -15.01 5.51 -1.19
CA SER B 21 -15.77 6.35 -2.16
C SER B 21 -16.52 5.47 -3.14
N CYS B 22 -17.54 6.04 -3.78
CA CYS B 22 -18.45 5.34 -4.71
C CYS B 22 -18.86 6.31 -5.83
N ALA B 23 -18.15 6.24 -6.96
CA ALA B 23 -18.38 7.04 -8.17
C ALA B 23 -19.58 6.45 -8.95
N ALA B 24 -20.72 7.13 -8.92
CA ALA B 24 -21.98 6.71 -9.58
C ALA B 24 -22.15 7.43 -10.93
N SER B 25 -22.80 6.75 -11.87
CA SER B 25 -23.22 7.29 -13.18
C SER B 25 -24.41 6.47 -13.71
N GLY B 26 -25.11 7.03 -14.71
CA GLY B 26 -26.22 6.37 -15.43
C GLY B 26 -27.55 6.43 -14.67
N PHE B 27 -27.66 7.26 -13.63
CA PHE B 27 -28.93 7.49 -12.89
C PHE B 27 -28.85 8.84 -12.17
N THR B 28 -29.98 9.53 -12.03
CA THR B 28 -30.06 10.88 -11.41
C THR B 28 -29.77 10.67 -9.92
N PHE B 29 -28.51 10.89 -9.54
CA PHE B 29 -27.88 10.46 -8.25
C PHE B 29 -28.69 10.96 -7.05
N SER B 30 -29.05 12.25 -7.06
CA SER B 30 -29.64 13.02 -5.92
C SER B 30 -31.00 12.43 -5.49
N ASN B 31 -31.73 11.80 -6.41
CA ASN B 31 -33.08 11.22 -6.11
C ASN B 31 -32.94 9.87 -5.39
N TYR B 32 -31.78 9.22 -5.45
CA TYR B 32 -31.59 7.84 -4.90
C TYR B 32 -30.99 7.90 -3.50
N TRP B 33 -31.35 6.94 -2.66
CA TRP B 33 -30.74 6.69 -1.33
C TRP B 33 -29.57 5.71 -1.49
N MET B 34 -28.33 6.11 -1.16
CA MET B 34 -27.12 5.27 -1.30
C MET B 34 -26.92 4.49 0.02
N ASN B 35 -26.54 3.22 -0.09
CA ASN B 35 -26.34 2.27 1.03
C ASN B 35 -24.94 1.64 0.96
N TRP B 36 -24.36 1.30 2.10
CA TRP B 36 -23.18 0.40 2.15
C TRP B 36 -23.59 -0.92 2.80
N VAL B 37 -23.19 -2.01 2.14
CA VAL B 37 -23.31 -3.41 2.61
C VAL B 37 -21.89 -3.98 2.58
N ARG B 38 -21.57 -4.88 3.50
CA ARG B 38 -20.21 -5.47 3.58
C ARG B 38 -20.33 -6.98 3.76
N GLN B 39 -19.27 -7.72 3.41
CA GLN B 39 -19.23 -9.20 3.48
C GLN B 39 -17.84 -9.67 3.88
N ALA B 40 -17.69 -10.22 5.09
CA ALA B 40 -16.51 -10.97 5.54
C ALA B 40 -16.37 -12.23 4.65
N SER B 41 -15.18 -12.82 4.61
CA SER B 41 -14.86 -13.97 3.72
C SER B 41 -15.63 -15.23 4.13
N GLY B 42 -16.36 -15.83 3.18
CA GLY B 42 -17.24 -17.01 3.37
C GLY B 42 -18.34 -16.76 4.38
N LYS B 43 -18.97 -15.58 4.40
CA LYS B 43 -20.02 -15.23 5.40
C LYS B 43 -21.11 -14.39 4.73
N GLY B 44 -22.11 -13.99 5.51
CA GLY B 44 -23.35 -13.34 5.06
C GLY B 44 -23.12 -11.90 4.61
N LEU B 45 -24.13 -11.35 3.91
CA LEU B 45 -24.25 -9.91 3.63
C LEU B 45 -24.67 -9.23 4.94
N GLU B 46 -23.98 -8.14 5.30
CA GLU B 46 -24.32 -7.28 6.44
C GLU B 46 -24.58 -5.86 5.93
N TRP B 47 -25.73 -5.29 6.29
CA TRP B 47 -26.07 -3.88 5.99
C TRP B 47 -25.20 -3.02 6.90
N VAL B 48 -24.64 -1.93 6.35
CA VAL B 48 -23.82 -0.95 7.11
C VAL B 48 -24.70 0.27 7.42
N GLY B 49 -25.32 0.86 6.39
CA GLY B 49 -26.08 2.10 6.57
C GLY B 49 -26.57 2.67 5.26
N GLU B 50 -27.30 3.77 5.37
CA GLU B 50 -28.00 4.43 4.26
C GLU B 50 -28.04 5.92 4.51
N ILE B 51 -27.81 6.69 3.45
CA ILE B 51 -28.00 8.17 3.42
C ILE B 51 -29.11 8.45 2.42
N ARG B 52 -30.06 9.30 2.82
CA ARG B 52 -31.27 9.64 2.03
C ARG B 52 -30.92 10.88 1.20
N SER B 53 -31.88 11.37 0.42
CA SER B 53 -31.70 12.50 -0.54
C SER B 53 -31.62 13.81 0.26
N LYS B 54 -31.33 14.93 -0.42
CA LYS B 54 -31.28 16.29 0.20
C LYS B 54 -32.67 16.62 0.76
N SER B 55 -33.72 16.33 0.00
CA SER B 55 -35.14 16.55 0.38
C SER B 55 -35.48 15.76 1.67
N ASN B 56 -34.60 14.87 2.13
CA ASN B 56 -34.77 14.14 3.42
C ASN B 56 -33.72 14.63 4.43
N ASN B 57 -33.08 15.76 4.13
CA ASN B 57 -32.05 16.40 4.99
C ASN B 57 -30.82 15.47 5.09
N TYR B 58 -30.52 14.71 4.03
CA TYR B 58 -29.38 13.75 4.03
C TYR B 58 -29.38 12.95 5.34
N ALA B 59 -30.53 12.40 5.74
CA ALA B 59 -30.65 11.63 6.99
C ALA B 59 -29.88 10.31 6.81
N THR B 60 -29.20 9.87 7.86
CA THR B 60 -28.29 8.70 7.86
C THR B 60 -28.78 7.72 8.92
N HIS B 61 -28.76 6.43 8.61
CA HIS B 61 -29.03 5.32 9.56
C HIS B 61 -27.92 4.27 9.44
N TYR B 62 -27.52 3.69 10.57
CA TYR B 62 -26.36 2.75 10.71
C TYR B 62 -26.79 1.48 11.45
N ALA B 63 -26.18 0.36 11.04
CA ALA B 63 -26.20 -0.95 11.75
C ALA B 63 -25.61 -0.77 13.15
N GLU B 64 -26.11 -1.51 14.13
CA GLU B 64 -25.68 -1.40 15.54
C GLU B 64 -24.15 -1.57 15.63
N SER B 65 -23.60 -2.50 14.84
CA SER B 65 -22.18 -2.93 14.92
C SER B 65 -21.22 -1.79 14.58
N VAL B 66 -21.64 -0.77 13.84
CA VAL B 66 -20.73 0.31 13.30
C VAL B 66 -21.14 1.72 13.78
N LYS B 67 -22.29 1.88 14.46
CA LYS B 67 -22.82 3.23 14.85
C LYS B 67 -21.82 3.88 15.83
N GLY B 68 -21.46 5.14 15.55
CA GLY B 68 -20.45 5.92 16.28
C GLY B 68 -19.13 5.98 15.53
N ARG B 69 -18.76 4.91 14.81
CA ARG B 69 -17.43 4.72 14.19
C ARG B 69 -17.47 5.07 12.70
N PHE B 70 -18.53 4.69 11.99
CA PHE B 70 -18.65 4.87 10.53
C PHE B 70 -19.48 6.13 10.25
N THR B 71 -19.19 6.85 9.16
CA THR B 71 -19.97 8.04 8.72
C THR B 71 -20.18 8.00 7.20
N ILE B 72 -21.43 7.86 6.78
CA ILE B 72 -21.84 7.97 5.35
C ILE B 72 -22.11 9.44 5.05
N SER B 73 -21.76 9.87 3.85
CA SER B 73 -22.01 11.23 3.34
C SER B 73 -22.16 11.09 1.84
N ARG B 74 -22.62 12.13 1.17
CA ARG B 74 -22.74 12.17 -0.31
C ARG B 74 -22.30 13.53 -0.82
N ASP B 75 -21.97 13.59 -2.10
CA ASP B 75 -21.65 14.82 -2.88
C ASP B 75 -22.38 14.71 -4.21
N ASP B 76 -23.55 15.36 -4.30
CA ASP B 76 -24.49 15.20 -5.45
C ASP B 76 -23.87 15.83 -6.70
N SER B 77 -23.00 16.83 -6.54
CA SER B 77 -22.31 17.52 -7.67
C SER B 77 -21.30 16.57 -8.33
N LYS B 78 -20.60 15.75 -7.54
CA LYS B 78 -19.59 14.77 -8.02
C LYS B 78 -20.22 13.38 -8.23
N ASN B 79 -21.51 13.19 -7.93
CA ASN B 79 -22.24 11.91 -8.10
C ASN B 79 -21.52 10.79 -7.33
N THR B 80 -21.15 11.05 -6.07
CA THR B 80 -20.28 10.20 -5.23
C THR B 80 -20.88 10.02 -3.83
N ALA B 81 -20.79 8.83 -3.26
CA ALA B 81 -21.10 8.55 -1.83
C ALA B 81 -19.83 8.08 -1.13
N TYR B 82 -19.77 8.19 0.20
CA TYR B 82 -18.56 7.92 1.02
C TYR B 82 -18.93 7.10 2.25
N LEU B 83 -17.97 6.30 2.72
CA LEU B 83 -17.98 5.66 4.06
C LEU B 83 -16.63 5.95 4.74
N GLN B 84 -16.67 6.87 5.70
CA GLN B 84 -15.56 7.20 6.63
C GLN B 84 -15.62 6.20 7.79
N MET B 85 -14.56 5.43 7.99
CA MET B 85 -14.47 4.39 9.03
C MET B 85 -13.42 4.85 10.05
N ASN B 86 -13.76 4.83 11.34
CA ASN B 86 -12.86 5.17 12.46
C ASN B 86 -12.85 4.02 13.46
N SER B 87 -11.86 4.00 14.35
CA SER B 87 -11.65 2.97 15.40
C SER B 87 -11.87 1.57 14.80
N LEU B 88 -11.35 1.34 13.59
CA LEU B 88 -11.46 0.06 12.85
C LEU B 88 -10.95 -1.09 13.71
N LYS B 89 -11.61 -2.24 13.63
CA LYS B 89 -11.27 -3.50 14.36
C LYS B 89 -11.08 -4.59 13.31
N THR B 90 -10.49 -5.73 13.70
CA THR B 90 -10.32 -6.92 12.79
C THR B 90 -11.73 -7.39 12.33
N GLU B 91 -12.74 -7.34 13.21
CA GLU B 91 -14.13 -7.78 12.90
C GLU B 91 -14.65 -7.05 11.67
N ASP B 92 -14.17 -5.82 11.39
CA ASP B 92 -14.64 -4.95 10.28
C ASP B 92 -14.05 -5.38 8.94
N THR B 93 -13.17 -6.38 8.95
CA THR B 93 -12.47 -6.90 7.74
C THR B 93 -13.54 -7.49 6.83
N ALA B 94 -13.63 -7.03 5.60
CA ALA B 94 -14.68 -7.46 4.66
C ALA B 94 -14.54 -6.71 3.34
N VAL B 95 -15.28 -7.19 2.34
CA VAL B 95 -15.53 -6.49 1.07
C VAL B 95 -16.68 -5.52 1.33
N TYR B 96 -16.53 -4.24 0.96
CA TYR B 96 -17.56 -3.20 1.21
C TYR B 96 -18.20 -2.84 -0.12
N TYR B 97 -19.53 -2.97 -0.19
CA TYR B 97 -20.32 -2.69 -1.41
C TYR B 97 -21.10 -1.38 -1.24
N CYS B 98 -21.26 -0.68 -2.36
CA CYS B 98 -22.04 0.55 -2.52
C CYS B 98 -23.30 0.25 -3.34
N SER B 99 -24.47 0.61 -2.83
CA SER B 99 -25.78 0.38 -3.52
C SER B 99 -26.54 1.68 -3.63
N ASN B 100 -27.31 1.84 -4.72
CA ASN B 100 -28.40 2.85 -4.82
C ASN B 100 -29.73 2.16 -4.52
N ARG B 101 -29.68 0.99 -3.86
CA ARG B 101 -30.81 0.10 -3.48
C ARG B 101 -31.16 -0.90 -4.60
N TYR B 102 -30.81 -0.59 -5.85
CA TYR B 102 -31.18 -1.37 -7.08
C TYR B 102 -29.97 -2.12 -7.67
N TYR B 103 -28.77 -1.54 -7.56
CA TYR B 103 -27.51 -2.09 -8.12
C TYR B 103 -26.43 -2.03 -7.04
N TYR B 104 -25.48 -2.95 -7.14
CA TYR B 104 -24.26 -2.95 -6.32
C TYR B 104 -23.06 -2.73 -7.23
N GLY B 105 -22.03 -2.08 -6.68
CA GLY B 105 -20.69 -2.00 -7.31
C GLY B 105 -19.97 -3.32 -7.20
N GLN B 106 -18.79 -3.43 -7.80
CA GLN B 106 -18.00 -4.69 -7.81
C GLN B 106 -17.44 -4.94 -6.39
N GLY B 107 -17.38 -3.94 -5.51
CA GLY B 107 -16.88 -4.09 -4.13
C GLY B 107 -15.40 -3.72 -3.98
N THR B 108 -14.96 -3.46 -2.76
CA THR B 108 -13.57 -3.07 -2.40
C THR B 108 -13.26 -3.63 -1.00
N LEU B 109 -12.11 -4.30 -0.86
CA LEU B 109 -11.74 -5.07 0.36
C LEU B 109 -10.99 -4.18 1.36
N VAL B 110 -11.46 -4.17 2.59
CA VAL B 110 -10.81 -3.49 3.73
C VAL B 110 -10.28 -4.59 4.63
N THR B 111 -8.97 -4.62 4.84
CA THR B 111 -8.29 -5.55 5.77
C THR B 111 -7.75 -4.73 6.94
N VAL B 112 -8.14 -5.11 8.16
CA VAL B 112 -7.71 -4.44 9.42
C VAL B 112 -6.79 -5.43 10.12
N SER B 113 -5.49 -5.22 9.99
CA SER B 113 -4.41 -6.12 10.46
C SER B 113 -3.16 -5.30 10.79
N SER B 114 -2.31 -5.81 11.69
CA SER B 114 -0.98 -5.23 11.98
C SER B 114 0.05 -5.89 11.05
N ALA B 115 -0.35 -6.93 10.33
CA ALA B 115 0.57 -7.67 9.42
C ALA B 115 0.99 -6.75 8.28
N SER B 116 2.20 -6.94 7.78
CA SER B 116 2.84 -6.10 6.73
C SER B 116 2.33 -6.50 5.36
N THR B 117 2.33 -5.55 4.43
CA THR B 117 2.11 -5.78 2.98
C THR B 117 3.27 -6.60 2.43
N LYS B 118 3.01 -7.57 1.56
CA LYS B 118 4.05 -8.39 0.92
C LYS B 118 3.60 -8.81 -0.48
N GLY B 119 4.45 -8.56 -1.47
CA GLY B 119 4.23 -8.84 -2.89
C GLY B 119 4.46 -10.32 -3.19
N PRO B 120 3.67 -10.93 -4.09
CA PRO B 120 3.81 -12.35 -4.39
C PRO B 120 5.01 -12.66 -5.28
N SER B 121 5.41 -13.93 -5.29
CA SER B 121 6.23 -14.58 -6.33
C SER B 121 5.30 -15.32 -7.30
N VAL B 122 5.56 -15.23 -8.61
CA VAL B 122 4.75 -15.93 -9.66
C VAL B 122 5.59 -17.04 -10.29
N PHE B 123 5.15 -18.30 -10.17
CA PHE B 123 5.87 -19.51 -10.64
C PHE B 123 5.02 -20.24 -11.68
N PRO B 124 5.60 -20.83 -12.74
CA PRO B 124 4.82 -21.50 -13.77
C PRO B 124 4.41 -22.89 -13.27
N LEU B 125 3.20 -23.32 -13.61
CA LEU B 125 2.78 -24.74 -13.55
C LEU B 125 2.87 -25.24 -15.00
N ALA B 126 4.01 -25.84 -15.36
CA ALA B 126 4.41 -26.14 -16.75
C ALA B 126 3.67 -27.38 -17.22
N PRO B 127 3.09 -27.37 -18.44
CA PRO B 127 2.43 -28.55 -18.97
C PRO B 127 3.47 -29.65 -19.19
N SER B 128 3.09 -30.91 -19.00
CA SER B 128 3.99 -32.10 -19.16
C SER B 128 4.13 -32.50 -20.64
N SER B 129 5.07 -33.40 -20.91
CA SER B 129 5.23 -34.16 -22.18
C SER B 129 4.34 -35.40 -22.12
N LYS B 130 3.14 -35.31 -22.71
CA LYS B 130 2.10 -36.39 -22.74
C LYS B 130 1.18 -36.16 -23.95
N SER B 131 0.62 -37.23 -24.51
CA SER B 131 -0.18 -37.24 -25.77
C SER B 131 -1.61 -36.74 -25.49
N THR B 132 -2.31 -37.35 -24.51
CA THR B 132 -3.70 -36.99 -24.10
C THR B 132 -3.66 -35.69 -23.28
N GLY B 135 -6.42 -34.73 -27.16
CA GLY B 135 -5.34 -34.15 -26.34
C GLY B 135 -5.79 -32.89 -25.60
N THR B 136 -5.98 -33.00 -24.28
CA THR B 136 -6.13 -31.83 -23.37
C THR B 136 -4.87 -31.72 -22.50
N ALA B 137 -4.29 -30.53 -22.44
CA ALA B 137 -3.14 -30.17 -21.58
C ALA B 137 -3.58 -29.14 -20.53
N ALA B 138 -3.01 -29.24 -19.32
CA ALA B 138 -3.24 -28.33 -18.18
C ALA B 138 -1.95 -27.57 -17.85
N LEU B 139 -2.02 -26.25 -17.68
CA LEU B 139 -0.88 -25.40 -17.26
C LEU B 139 -1.45 -24.30 -16.36
N GLY B 140 -0.59 -23.53 -15.70
CA GLY B 140 -1.07 -22.55 -14.72
C GLY B 140 0.04 -21.70 -14.13
N CYS B 141 -0.35 -20.89 -13.18
CA CYS B 141 0.55 -20.02 -12.39
C CYS B 141 0.25 -20.26 -10.92
N LEU B 142 1.29 -20.38 -10.14
CA LEU B 142 1.24 -20.32 -8.67
C LEU B 142 1.67 -18.91 -8.29
N VAL B 143 0.73 -18.14 -7.73
CA VAL B 143 0.95 -16.80 -7.09
C VAL B 143 1.14 -17.04 -5.58
N LYS B 144 2.39 -16.99 -5.12
CA LYS B 144 2.80 -17.51 -3.80
C LYS B 144 3.29 -16.39 -2.89
N ASP B 145 2.84 -16.42 -1.63
CA ASP B 145 3.38 -15.65 -0.46
C ASP B 145 3.05 -14.17 -0.64
N TYR B 146 1.77 -13.81 -0.54
CA TYR B 146 1.33 -12.40 -0.54
C TYR B 146 0.43 -12.11 0.66
N PHE B 147 0.36 -10.81 0.99
CA PHE B 147 -0.57 -10.22 1.98
C PHE B 147 -0.73 -8.75 1.66
N PRO B 148 -1.93 -8.15 1.78
CA PRO B 148 -3.17 -8.89 2.01
C PRO B 148 -3.78 -9.37 0.69
N GLU B 149 -5.01 -9.88 0.76
CA GLU B 149 -5.85 -10.12 -0.44
C GLU B 149 -6.18 -8.74 -1.04
N PRO B 150 -6.54 -8.65 -2.33
CA PRO B 150 -6.63 -9.80 -3.23
C PRO B 150 -5.51 -9.75 -4.29
N VAL B 151 -5.28 -10.84 -5.03
CA VAL B 151 -4.63 -10.78 -6.37
C VAL B 151 -5.70 -11.07 -7.42
N THR B 152 -5.58 -10.48 -8.61
CA THR B 152 -6.38 -10.86 -9.79
C THR B 152 -5.47 -11.64 -10.73
N VAL B 153 -6.04 -12.57 -11.50
CA VAL B 153 -5.33 -13.35 -12.56
C VAL B 153 -6.21 -13.32 -13.80
N SER B 154 -5.64 -12.94 -14.94
CA SER B 154 -6.21 -13.15 -16.30
C SER B 154 -5.18 -13.94 -17.08
N TRP B 155 -5.58 -14.49 -18.22
CA TRP B 155 -4.70 -15.23 -19.14
C TRP B 155 -4.73 -14.51 -20.49
N ASN B 156 -3.55 -14.25 -21.06
CA ASN B 156 -3.39 -13.57 -22.37
C ASN B 156 -4.21 -12.28 -22.40
N SER B 157 -4.15 -11.48 -21.35
CA SER B 157 -4.78 -10.13 -21.26
C SER B 157 -6.30 -10.25 -21.37
N GLY B 158 -6.86 -11.41 -21.02
CA GLY B 158 -8.32 -11.59 -20.88
C GLY B 158 -8.96 -12.23 -22.10
N ALA B 159 -8.16 -12.55 -23.13
CA ALA B 159 -8.65 -13.18 -24.39
C ALA B 159 -8.86 -14.68 -24.18
N LEU B 160 -8.19 -15.29 -23.18
CA LEU B 160 -8.32 -16.75 -22.88
C LEU B 160 -9.09 -16.92 -21.58
N THR B 161 -10.36 -17.35 -21.64
CA THR B 161 -11.28 -17.48 -20.48
C THR B 161 -11.92 -18.87 -20.40
N SER B 162 -12.00 -19.61 -21.51
CA SER B 162 -12.64 -20.94 -21.52
C SER B 162 -11.61 -21.97 -21.01
N GLY B 163 -12.05 -22.81 -20.05
CA GLY B 163 -11.26 -23.83 -19.37
C GLY B 163 -10.44 -23.29 -18.20
N VAL B 164 -10.62 -22.01 -17.84
CA VAL B 164 -9.80 -21.29 -16.81
C VAL B 164 -10.42 -21.53 -15.43
N HIS B 165 -9.65 -22.05 -14.49
CA HIS B 165 -10.07 -22.13 -13.07
C HIS B 165 -9.08 -21.34 -12.23
N THR B 166 -9.56 -20.29 -11.57
CA THR B 166 -8.78 -19.53 -10.56
C THR B 166 -9.29 -19.95 -9.18
N PHE B 167 -8.46 -20.69 -8.46
CA PHE B 167 -8.83 -21.26 -7.14
C PHE B 167 -8.86 -20.14 -6.12
N PRO B 168 -9.68 -20.27 -5.07
CA PRO B 168 -9.63 -19.33 -3.96
C PRO B 168 -8.23 -19.34 -3.32
N ALA B 169 -7.76 -18.19 -2.84
CA ALA B 169 -6.53 -18.07 -2.03
C ALA B 169 -6.64 -19.00 -0.83
N VAL B 170 -5.53 -19.64 -0.45
CA VAL B 170 -5.43 -20.35 0.85
C VAL B 170 -4.48 -19.54 1.75
N LEU B 171 -4.91 -19.33 3.00
CA LEU B 171 -4.09 -18.74 4.06
C LEU B 171 -3.09 -19.82 4.49
N GLN B 172 -1.80 -19.62 4.24
CA GLN B 172 -0.73 -20.57 4.64
C GLN B 172 -0.39 -20.41 6.13
N SER B 173 0.32 -21.39 6.68
CA SER B 173 0.79 -21.45 8.10
C SER B 173 1.49 -20.14 8.50
N SER B 174 2.25 -19.51 7.59
CA SER B 174 3.04 -18.27 7.81
C SER B 174 2.15 -17.01 7.89
N GLY B 175 0.84 -17.13 7.68
CA GLY B 175 -0.08 -15.98 7.64
C GLY B 175 0.01 -15.22 6.32
N LEU B 176 0.63 -15.81 5.28
CA LEU B 176 0.68 -15.28 3.89
C LEU B 176 -0.25 -16.10 3.00
N TYR B 177 -0.85 -15.48 1.98
CA TYR B 177 -1.81 -16.12 1.04
C TYR B 177 -1.04 -16.77 -0.11
N SER B 178 -1.58 -17.84 -0.64
CA SER B 178 -1.14 -18.43 -1.93
C SER B 178 -2.36 -18.71 -2.77
N LEU B 179 -2.18 -18.75 -4.09
CA LEU B 179 -3.28 -18.85 -5.08
C LEU B 179 -2.77 -19.49 -6.37
N SER B 180 -3.56 -20.39 -6.96
CA SER B 180 -3.26 -21.07 -8.25
C SER B 180 -4.32 -20.70 -9.29
N SER B 181 -3.87 -20.51 -10.51
CA SER B 181 -4.75 -20.39 -11.70
C SER B 181 -4.24 -21.36 -12.75
N VAL B 182 -5.15 -22.15 -13.30
CA VAL B 182 -4.90 -23.24 -14.27
C VAL B 182 -5.86 -23.03 -15.45
N VAL B 183 -5.47 -23.55 -16.60
CA VAL B 183 -6.30 -23.55 -17.81
C VAL B 183 -5.96 -24.85 -18.56
N THR B 184 -6.98 -25.60 -18.95
CA THR B 184 -6.86 -26.74 -19.90
C THR B 184 -6.94 -26.18 -21.31
N VAL B 185 -6.07 -26.65 -22.20
CA VAL B 185 -5.97 -26.16 -23.61
C VAL B 185 -5.75 -27.37 -24.50
N PRO B 186 -5.97 -27.28 -25.84
CA PRO B 186 -5.66 -28.39 -26.74
C PRO B 186 -4.15 -28.66 -26.71
N SER B 187 -3.76 -29.93 -26.57
CA SER B 187 -2.35 -30.40 -26.48
C SER B 187 -1.53 -29.95 -27.70
N SER B 188 -2.18 -29.79 -28.88
CA SER B 188 -1.51 -29.49 -30.17
C SER B 188 -1.16 -27.99 -30.28
N SER B 189 -1.61 -27.16 -29.32
CA SER B 189 -1.36 -25.70 -29.27
C SER B 189 -0.08 -25.38 -28.47
N LEU B 190 0.53 -26.36 -27.81
CA LEU B 190 1.59 -26.12 -26.79
C LEU B 190 2.88 -25.61 -27.45
N GLY B 191 3.10 -25.88 -28.74
CA GLY B 191 4.29 -25.40 -29.47
C GLY B 191 4.12 -23.99 -30.02
N THR B 192 2.88 -23.51 -30.19
CA THR B 192 2.54 -22.44 -31.17
C THR B 192 1.81 -21.28 -30.47
N GLN B 193 0.84 -21.58 -29.58
CA GLN B 193 0.10 -20.56 -28.80
C GLN B 193 0.89 -20.22 -27.53
N THR B 194 1.16 -18.93 -27.33
CA THR B 194 1.78 -18.35 -26.11
C THR B 194 0.72 -18.28 -25.02
N TYR B 195 1.02 -18.79 -23.82
CA TYR B 195 0.15 -18.73 -22.63
C TYR B 195 0.85 -17.89 -21.57
N ILE B 196 0.24 -16.72 -21.28
CA ILE B 196 0.76 -15.73 -20.31
C ILE B 196 -0.29 -15.54 -19.24
N CYS B 197 0.09 -15.63 -17.96
CA CYS B 197 -0.82 -15.23 -16.87
C CYS B 197 -0.39 -13.86 -16.35
N ASN B 198 -1.37 -12.96 -16.29
CA ASN B 198 -1.22 -11.56 -15.85
C ASN B 198 -1.69 -11.53 -14.40
N VAL B 199 -0.74 -11.39 -13.47
CA VAL B 199 -0.98 -11.32 -12.01
C VAL B 199 -0.84 -9.85 -11.59
N ASN B 200 -1.84 -9.33 -10.89
CA ASN B 200 -1.76 -8.01 -10.22
C ASN B 200 -2.05 -8.19 -8.72
N HIS B 201 -1.16 -7.65 -7.88
CA HIS B 201 -1.35 -7.47 -6.41
C HIS B 201 -1.22 -5.98 -6.12
N LYS B 202 -2.31 -5.23 -6.28
CA LYS B 202 -2.34 -3.76 -6.09
C LYS B 202 -1.81 -3.36 -4.72
N PRO B 203 -2.17 -4.03 -3.59
CA PRO B 203 -1.69 -3.58 -2.29
C PRO B 203 -0.17 -3.41 -2.22
N SER B 204 0.61 -4.31 -2.84
CA SER B 204 2.10 -4.33 -2.85
C SER B 204 2.65 -3.65 -4.11
N ASN B 205 1.80 -3.20 -5.02
CA ASN B 205 2.19 -2.52 -6.28
C ASN B 205 2.95 -3.51 -7.19
N THR B 206 2.50 -4.76 -7.25
CA THR B 206 3.14 -5.86 -8.02
C THR B 206 2.29 -6.20 -9.24
N LYS B 207 2.89 -6.12 -10.44
CA LYS B 207 2.29 -6.55 -11.73
C LYS B 207 3.27 -7.47 -12.45
N VAL B 208 2.87 -8.72 -12.71
CA VAL B 208 3.73 -9.75 -13.35
C VAL B 208 2.97 -10.33 -14.54
N ASP B 209 3.66 -10.49 -15.68
CA ASP B 209 3.25 -11.34 -16.82
C ASP B 209 4.20 -12.53 -16.86
N LYS B 210 3.69 -13.73 -16.55
CA LYS B 210 4.43 -15.01 -16.52
C LYS B 210 4.05 -15.85 -17.73
N LYS B 211 4.97 -16.03 -18.68
CA LYS B 211 4.84 -17.02 -19.76
C LYS B 211 5.01 -18.43 -19.20
N VAL B 212 3.98 -19.25 -19.32
CA VAL B 212 3.98 -20.70 -18.93
C VAL B 212 4.14 -21.53 -20.21
N GLU B 213 5.24 -22.28 -20.32
CA GLU B 213 5.50 -23.15 -21.50
C GLU B 213 6.03 -24.51 -21.02
N PRO B 214 6.04 -25.51 -21.93
CA PRO B 214 6.62 -26.81 -21.62
C PRO B 214 8.10 -26.68 -21.24
N LYS B 215 8.52 -27.43 -20.22
CA LYS B 215 9.92 -27.39 -19.73
C LYS B 215 10.77 -28.32 -20.61
N SER B 216 11.88 -27.79 -21.13
CA SER B 216 13.03 -28.53 -21.71
C SER B 216 13.37 -29.76 -20.85
N ASP C 1 8.83 31.98 -19.65
CA ASP C 1 8.68 31.96 -18.15
C ASP C 1 9.75 32.86 -17.52
N ILE C 2 9.37 33.64 -16.49
CA ILE C 2 10.34 34.51 -15.73
C ILE C 2 11.31 33.60 -14.99
N GLN C 3 12.61 33.77 -15.25
CA GLN C 3 13.73 33.01 -14.63
C GLN C 3 14.21 33.79 -13.40
N MET C 4 14.28 33.14 -12.23
CA MET C 4 14.85 33.74 -11.01
C MET C 4 16.24 33.14 -10.77
N THR C 5 17.30 33.90 -11.01
CA THR C 5 18.71 33.43 -10.88
C THR C 5 19.24 33.84 -9.51
N GLN C 6 19.32 32.86 -8.61
CA GLN C 6 19.67 33.04 -7.18
C GLN C 6 21.16 32.78 -7.00
N SER C 7 21.83 33.51 -6.11
CA SER C 7 23.30 33.51 -5.98
C SER C 7 23.71 33.75 -4.53
N PRO C 8 24.63 32.96 -3.92
CA PRO C 8 25.21 31.75 -4.51
C PRO C 8 24.35 30.49 -4.26
N SER C 9 24.79 29.34 -4.80
CA SER C 9 24.21 28.00 -4.57
C SER C 9 24.28 27.66 -3.08
N SER C 10 25.39 28.00 -2.43
CA SER C 10 25.62 27.78 -0.99
C SER C 10 26.55 28.86 -0.46
N LEU C 11 26.50 29.07 0.86
CA LEU C 11 27.53 29.89 1.54
C LEU C 11 27.58 29.50 3.02
N SER C 12 28.79 29.51 3.58
CA SER C 12 29.04 29.38 5.03
C SER C 12 29.56 30.72 5.55
N ALA C 13 28.94 31.16 6.64
CA ALA C 13 29.28 32.37 7.42
C ALA C 13 29.36 31.94 8.88
N SER C 14 30.12 32.68 9.70
CA SER C 14 30.21 32.49 11.17
C SER C 14 29.00 33.11 11.86
N VAL C 15 28.72 32.65 13.08
CA VAL C 15 27.64 33.21 13.95
C VAL C 15 27.91 34.72 14.08
N GLY C 16 26.90 35.56 13.93
CA GLY C 16 27.03 37.03 14.06
C GLY C 16 27.39 37.72 12.74
N ASP C 17 27.86 37.00 11.72
CA ASP C 17 28.16 37.60 10.38
C ASP C 17 26.88 38.14 9.77
N ARG C 18 27.01 39.15 8.90
CA ARG C 18 25.93 39.63 8.00
C ARG C 18 25.96 38.83 6.69
N VAL C 19 24.82 38.24 6.34
CA VAL C 19 24.65 37.27 5.20
C VAL C 19 23.73 37.92 4.17
N THR C 20 24.19 38.05 2.93
CA THR C 20 23.39 38.65 1.83
C THR C 20 23.32 37.69 0.64
N ILE C 21 22.08 37.29 0.29
CA ILE C 21 21.74 36.42 -0.86
C ILE C 21 21.08 37.32 -1.90
N THR C 22 21.35 37.08 -3.19
CA THR C 22 20.79 37.85 -4.32
C THR C 22 19.88 36.96 -5.18
N CYS C 23 18.77 37.52 -5.64
CA CYS C 23 17.89 36.93 -6.68
C CYS C 23 17.79 37.94 -7.84
N LYS C 24 18.11 37.50 -9.04
CA LYS C 24 18.01 38.34 -10.27
C LYS C 24 16.89 37.80 -11.15
N ALA C 25 15.84 38.59 -11.37
CA ALA C 25 14.73 38.29 -12.31
C ALA C 25 15.17 38.55 -13.76
N SER C 26 14.71 37.75 -14.71
CA SER C 26 15.06 37.85 -16.16
C SER C 26 14.24 38.96 -16.83
N GLN C 27 13.30 39.56 -16.10
CA GLN C 27 12.52 40.77 -16.49
C GLN C 27 11.81 41.35 -15.26
N ASP C 28 11.35 42.60 -15.35
CA ASP C 28 10.75 43.39 -14.24
C ASP C 28 9.67 42.55 -13.54
N VAL C 29 9.71 42.43 -12.20
CA VAL C 29 8.62 41.78 -11.39
C VAL C 29 8.06 42.78 -10.37
N ASN C 30 8.33 44.09 -10.56
CA ASN C 30 8.04 45.18 -9.60
C ASN C 30 8.62 44.75 -8.24
N THR C 31 7.78 44.59 -7.21
CA THR C 31 8.18 44.05 -5.88
C THR C 31 7.49 42.71 -5.60
N ALA C 32 6.94 42.04 -6.62
CA ALA C 32 6.27 40.72 -6.46
C ALA C 32 7.33 39.65 -6.25
N VAL C 33 8.02 39.69 -5.11
CA VAL C 33 9.08 38.73 -4.74
C VAL C 33 8.86 38.26 -3.28
N ALA C 34 8.95 36.95 -3.05
CA ALA C 34 8.85 36.35 -1.71
C ALA C 34 10.12 35.57 -1.42
N TRP C 35 10.55 35.57 -0.16
CA TRP C 35 11.71 34.77 0.29
C TRP C 35 11.23 33.74 1.29
N TYR C 36 11.67 32.50 1.12
CA TYR C 36 11.28 31.35 1.96
C TYR C 36 12.53 30.76 2.61
N GLN C 37 12.31 30.20 3.80
CA GLN C 37 13.31 29.47 4.61
C GLN C 37 12.81 28.02 4.71
N GLN C 38 13.68 27.04 4.42
CA GLN C 38 13.34 25.63 4.68
C GLN C 38 14.42 25.04 5.58
N LYS C 39 14.10 24.81 6.85
CA LYS C 39 15.01 24.16 7.83
C LYS C 39 15.06 22.68 7.49
N PRO C 40 16.15 21.97 7.88
CA PRO C 40 16.31 20.55 7.55
C PRO C 40 15.18 19.67 8.14
N GLY C 41 14.47 18.98 7.25
CA GLY C 41 13.37 18.05 7.61
C GLY C 41 12.08 18.75 7.99
N LYS C 42 11.87 20.00 7.55
CA LYS C 42 10.61 20.75 7.82
C LYS C 42 10.10 21.40 6.53
N ALA C 43 8.92 22.00 6.61
CA ALA C 43 8.20 22.68 5.51
C ALA C 43 8.77 24.07 5.26
N PRO C 44 8.60 24.61 4.04
CA PRO C 44 8.97 26.00 3.77
C PRO C 44 8.22 26.99 4.69
N LYS C 45 8.88 28.09 5.03
CA LYS C 45 8.31 29.20 5.82
C LYS C 45 8.47 30.46 4.97
N LEU C 46 7.37 31.18 4.72
CA LEU C 46 7.40 32.56 4.17
C LEU C 46 8.02 33.46 5.23
N LEU C 47 9.12 34.14 4.85
CA LEU C 47 9.81 35.18 5.67
C LEU C 47 9.38 36.56 5.18
N ILE C 48 9.49 36.79 3.88
CA ILE C 48 9.40 38.13 3.24
C ILE C 48 8.51 38.02 2.00
N TYR C 49 7.62 38.99 1.79
CA TYR C 49 6.89 39.19 0.52
C TYR C 49 6.80 40.68 0.18
N TRP C 50 6.31 40.98 -1.02
CA TRP C 50 6.33 42.33 -1.64
C TRP C 50 7.75 42.91 -1.53
N ALA C 51 8.75 42.03 -1.62
CA ALA C 51 10.21 42.33 -1.70
C ALA C 51 10.82 42.68 -0.34
N SER C 52 10.09 43.37 0.56
CA SER C 52 10.69 43.87 1.82
C SER C 52 9.77 43.77 3.05
N THR C 53 8.52 43.31 2.88
CA THR C 53 7.58 43.18 4.02
C THR C 53 7.84 41.88 4.77
N ARG C 54 8.23 42.00 6.04
CA ARG C 54 8.41 40.84 6.95
C ARG C 54 7.03 40.25 7.24
N HIS C 55 6.93 38.92 7.21
CA HIS C 55 5.69 38.18 7.58
C HIS C 55 5.64 38.11 9.11
N THR C 56 4.43 38.04 9.70
CA THR C 56 4.24 37.92 11.17
C THR C 56 4.98 36.66 11.64
N GLY C 57 5.52 36.71 12.87
CA GLY C 57 6.22 35.59 13.50
C GLY C 57 7.69 35.48 13.07
N VAL C 58 8.16 36.34 12.16
CA VAL C 58 9.53 36.22 11.57
C VAL C 58 10.47 37.16 12.34
N PRO C 59 11.59 36.64 12.86
CA PRO C 59 12.57 37.47 13.57
C PRO C 59 13.03 38.73 12.82
N SER C 60 13.17 39.82 13.59
CA SER C 60 13.61 41.18 13.17
C SER C 60 14.82 41.11 12.23
N ARG C 61 15.75 40.19 12.48
CA ARG C 61 17.09 40.16 11.82
C ARG C 61 16.96 39.71 10.35
N PHE C 62 15.77 39.35 9.88
CA PHE C 62 15.55 38.96 8.47
C PHE C 62 15.01 40.18 7.73
N SER C 63 15.59 40.52 6.58
CA SER C 63 15.04 41.54 5.67
C SER C 63 15.34 41.21 4.21
N GLY C 64 14.60 41.84 3.32
CA GLY C 64 14.91 41.86 1.88
C GLY C 64 14.76 43.27 1.34
N SER C 65 15.20 43.48 0.11
CA SER C 65 14.96 44.77 -0.58
C SER C 65 14.96 44.53 -2.09
N GLY C 66 14.74 45.60 -2.84
CA GLY C 66 14.98 45.63 -4.28
C GLY C 66 13.70 45.92 -5.00
N SER C 67 13.82 46.14 -6.31
CA SER C 67 12.69 46.45 -7.21
C SER C 67 13.17 46.23 -8.65
N GLY C 68 12.24 45.94 -9.55
CA GLY C 68 12.54 45.63 -10.95
C GLY C 68 13.05 44.22 -11.09
N THR C 69 14.37 44.08 -11.25
CA THR C 69 15.07 42.82 -11.61
C THR C 69 15.99 42.37 -10.46
N ASP C 70 16.50 43.29 -9.65
CA ASP C 70 17.58 43.02 -8.65
C ASP C 70 16.97 42.96 -7.24
N PHE C 71 17.17 41.84 -6.54
CA PHE C 71 16.58 41.53 -5.22
C PHE C 71 17.67 40.96 -4.31
N THR C 72 17.61 41.28 -3.01
CA THR C 72 18.56 40.81 -1.98
C THR C 72 17.79 40.37 -0.75
N PHE C 73 18.33 39.41 -0.02
CA PHE C 73 17.79 38.94 1.28
C PHE C 73 18.94 38.94 2.29
N THR C 74 18.72 39.51 3.47
CA THR C 74 19.80 39.75 4.46
C THR C 74 19.40 39.16 5.82
N ILE C 75 20.32 38.44 6.44
CA ILE C 75 20.34 38.19 7.91
C ILE C 75 21.38 39.16 8.50
N SER C 76 20.94 40.11 9.31
CA SER C 76 21.79 41.13 9.99
C SER C 76 22.80 40.44 10.91
N SER C 77 22.34 39.50 11.74
CA SER C 77 23.19 38.72 12.69
C SER C 77 22.82 37.24 12.59
N LEU C 78 23.72 36.42 12.02
CA LEU C 78 23.49 34.97 11.77
C LEU C 78 23.50 34.20 13.10
N GLN C 79 22.45 33.44 13.39
CA GLN C 79 22.30 32.59 14.60
C GLN C 79 22.34 31.13 14.14
N PRO C 80 22.68 30.16 15.02
CA PRO C 80 22.90 28.77 14.59
C PRO C 80 21.64 28.06 14.07
N GLU C 81 20.47 28.60 14.38
CA GLU C 81 19.14 28.04 14.00
C GLU C 81 18.77 28.47 12.58
N ASP C 82 19.59 29.33 11.94
CA ASP C 82 19.31 29.91 10.61
C ASP C 82 19.75 28.94 9.51
N ILE C 83 20.47 27.87 9.87
CA ILE C 83 20.80 26.73 8.95
C ILE C 83 19.53 26.35 8.20
N ALA C 84 19.57 26.42 6.87
CA ALA C 84 18.41 26.22 5.98
C ALA C 84 18.80 26.51 4.54
N THR C 85 17.92 26.16 3.60
CA THR C 85 17.98 26.63 2.20
C THR C 85 16.98 27.79 2.08
N TYR C 86 17.40 28.89 1.45
CA TYR C 86 16.65 30.16 1.33
C TYR C 86 16.27 30.29 -0.14
N TYR C 87 14.97 30.39 -0.45
CA TYR C 87 14.44 30.40 -1.84
C TYR C 87 13.79 31.75 -2.13
N CYS C 88 14.10 32.36 -3.28
CA CYS C 88 13.33 33.51 -3.83
C CYS C 88 12.23 32.95 -4.72
N LEU C 89 11.18 33.75 -4.99
CA LEU C 89 10.07 33.42 -5.92
C LEU C 89 9.45 34.73 -6.43
N GLN C 90 9.11 34.80 -7.72
CA GLN C 90 8.29 35.93 -8.28
C GLN C 90 6.83 35.48 -8.39
N TYR C 91 5.88 36.41 -8.22
CA TYR C 91 4.43 36.14 -8.38
C TYR C 91 3.75 37.29 -9.15
N ILE C 92 4.48 37.98 -10.03
CA ILE C 92 3.88 39.03 -10.90
C ILE C 92 3.11 38.37 -12.05
N ASN C 93 3.68 37.32 -12.68
CA ASN C 93 3.07 36.56 -13.81
C ASN C 93 2.95 35.08 -13.45
N TYR C 94 1.90 34.43 -13.98
CA TYR C 94 1.78 32.95 -14.08
C TYR C 94 2.65 32.49 -15.25
N PRO C 95 3.38 31.36 -15.13
CA PRO C 95 3.43 30.56 -13.92
C PRO C 95 4.43 31.18 -12.93
N TYR C 96 4.22 31.00 -11.62
CA TYR C 96 5.14 31.49 -10.57
C TYR C 96 6.40 30.64 -10.59
N THR C 97 7.55 31.27 -10.40
CA THR C 97 8.87 30.60 -10.54
C THR C 97 9.70 30.88 -9.28
N PHE C 98 10.34 29.82 -8.78
CA PHE C 98 11.35 29.83 -7.70
C PHE C 98 12.74 29.94 -8.31
N GLY C 99 13.68 30.55 -7.57
CA GLY C 99 15.12 30.36 -7.78
C GLY C 99 15.53 28.98 -7.27
N GLN C 100 16.75 28.56 -7.56
CA GLN C 100 17.19 27.16 -7.26
C GLN C 100 17.59 27.04 -5.78
N GLY C 101 17.54 28.11 -4.99
CA GLY C 101 17.86 28.09 -3.54
C GLY C 101 19.31 28.44 -3.22
N THR C 102 19.57 28.95 -2.02
CA THR C 102 20.92 29.13 -1.43
C THR C 102 20.97 28.32 -0.13
N LYS C 103 21.91 27.38 -0.05
CA LYS C 103 22.11 26.51 1.13
C LYS C 103 22.99 27.24 2.13
N LEU C 104 22.51 27.45 3.37
CA LEU C 104 23.23 28.25 4.40
C LEU C 104 23.85 27.33 5.45
N GLU C 105 25.19 27.24 5.45
CA GLU C 105 26.03 26.50 6.44
C GLU C 105 26.55 27.51 7.49
N ILE C 106 26.57 27.13 8.77
CA ILE C 106 27.22 27.92 9.85
C ILE C 106 28.69 27.48 9.93
N LYS C 107 29.65 28.38 9.65
CA LYS C 107 31.09 28.11 9.92
C LYS C 107 31.32 28.27 11.42
N ARG C 108 32.09 27.36 12.01
CA ARG C 108 32.32 27.34 13.48
C ARG C 108 33.64 26.65 13.80
N THR C 109 33.97 26.59 15.08
CA THR C 109 35.21 25.96 15.61
C THR C 109 35.23 24.50 15.19
N VAL C 110 36.42 23.99 14.86
CA VAL C 110 36.67 22.54 14.58
C VAL C 110 36.25 21.75 15.84
N ALA C 111 35.56 20.63 15.63
CA ALA C 111 35.12 19.67 16.66
C ALA C 111 35.32 18.27 16.08
N ALA C 112 36.17 17.47 16.72
CA ALA C 112 36.53 16.12 16.25
C ALA C 112 35.37 15.20 16.55
N PRO C 113 35.15 14.15 15.72
CA PRO C 113 34.06 13.22 15.96
C PRO C 113 34.31 12.27 17.14
N SER C 114 33.24 11.87 17.82
CA SER C 114 33.21 10.65 18.67
C SER C 114 32.91 9.46 17.75
N VAL C 115 33.80 8.47 17.72
CA VAL C 115 33.73 7.29 16.82
C VAL C 115 33.26 6.07 17.63
N PHE C 116 32.23 5.38 17.13
CA PHE C 116 31.71 4.10 17.67
C PHE C 116 31.56 3.12 16.51
N ILE C 117 31.86 1.84 16.77
CA ILE C 117 31.68 0.75 15.77
C ILE C 117 30.70 -0.25 16.38
N PHE C 118 29.85 -0.85 15.55
CA PHE C 118 28.69 -1.70 15.94
C PHE C 118 28.73 -2.99 15.13
N PRO C 119 28.75 -4.17 15.81
CA PRO C 119 28.80 -5.46 15.11
C PRO C 119 27.44 -5.75 14.51
N PRO C 120 27.36 -6.62 13.47
CA PRO C 120 26.08 -7.20 13.08
C PRO C 120 25.43 -7.88 14.29
N SER C 121 24.14 -7.65 14.52
CA SER C 121 23.32 -8.39 15.52
C SER C 121 23.20 -9.83 15.03
N ASP C 122 22.69 -10.73 15.89
CA ASP C 122 22.58 -12.18 15.57
C ASP C 122 21.35 -12.40 14.70
N GLU C 123 20.24 -11.71 15.00
CA GLU C 123 18.99 -11.67 14.18
C GLU C 123 19.35 -11.51 12.69
N GLN C 124 20.28 -10.59 12.38
CA GLN C 124 20.61 -10.19 10.99
C GLN C 124 21.44 -11.28 10.31
N LEU C 125 22.23 -12.02 11.08
CA LEU C 125 23.22 -12.98 10.53
C LEU C 125 22.51 -14.20 9.93
N LYS C 126 21.40 -14.64 10.54
CA LYS C 126 20.60 -15.80 10.04
C LYS C 126 19.90 -15.44 8.73
N SER C 127 19.70 -14.14 8.43
CA SER C 127 19.09 -13.63 7.18
C SER C 127 19.99 -13.92 5.98
N GLY C 128 21.32 -13.95 6.20
CA GLY C 128 22.33 -14.25 5.16
C GLY C 128 23.15 -13.04 4.74
N THR C 129 23.21 -12.00 5.57
CA THR C 129 24.06 -10.79 5.36
C THR C 129 24.47 -10.23 6.73
N ALA C 130 25.56 -9.47 6.75
CA ALA C 130 26.13 -8.80 7.94
C ALA C 130 26.41 -7.32 7.61
N SER C 131 25.78 -6.42 8.35
CA SER C 131 25.99 -4.95 8.29
C SER C 131 26.86 -4.54 9.48
N VAL C 132 27.94 -3.79 9.22
CA VAL C 132 28.86 -3.24 10.26
C VAL C 132 28.78 -1.72 10.21
N VAL C 133 28.31 -1.11 11.29
CA VAL C 133 28.04 0.36 11.35
C VAL C 133 29.17 1.04 12.13
N CYS C 134 29.75 2.07 11.52
CA CYS C 134 30.74 3.02 12.13
C CYS C 134 30.04 4.38 12.27
N LEU C 135 29.96 4.91 13.48
CA LEU C 135 29.27 6.19 13.81
C LEU C 135 30.31 7.28 14.11
N LEU C 136 30.18 8.41 13.42
CA LEU C 136 30.95 9.66 13.64
C LEU C 136 29.95 10.70 14.17
N ASN C 137 30.02 11.06 15.45
CA ASN C 137 28.98 11.86 16.14
C ASN C 137 29.48 13.29 16.39
N ASN C 138 28.69 14.29 16.00
CA ASN C 138 28.83 15.71 16.40
C ASN C 138 30.25 16.17 16.10
N PHE C 139 30.55 16.41 14.81
CA PHE C 139 31.86 16.87 14.33
C PHE C 139 31.69 18.08 13.41
N TYR C 140 32.81 18.72 13.10
CA TYR C 140 32.91 19.87 12.18
C TYR C 140 34.38 20.03 11.77
N PRO C 141 34.72 20.30 10.49
CA PRO C 141 33.74 20.52 9.42
C PRO C 141 33.21 19.18 8.88
N ARG C 142 32.41 19.23 7.81
CA ARG C 142 31.67 18.06 7.23
C ARG C 142 32.68 17.05 6.66
N GLU C 143 33.75 17.53 6.02
CA GLU C 143 34.79 16.69 5.37
C GLU C 143 35.29 15.70 6.43
N ALA C 144 35.02 14.41 6.22
CA ALA C 144 35.50 13.28 7.05
C ALA C 144 35.90 12.14 6.09
N LYS C 145 36.53 11.10 6.64
CA LYS C 145 37.12 9.98 5.87
C LYS C 145 37.09 8.72 6.73
N VAL C 146 36.23 7.77 6.38
CA VAL C 146 36.09 6.46 7.07
C VAL C 146 36.70 5.38 6.17
N GLN C 147 37.62 4.59 6.71
CA GLN C 147 38.20 3.39 6.04
C GLN C 147 37.80 2.16 6.84
N TRP C 148 37.48 1.08 6.13
CA TRP C 148 37.00 -0.20 6.72
C TRP C 148 38.13 -1.24 6.65
N LYS C 149 38.44 -1.90 7.78
CA LYS C 149 39.51 -2.92 7.87
C LYS C 149 38.94 -4.20 8.49
N VAL C 150 39.26 -5.34 7.87
CA VAL C 150 38.84 -6.69 8.36
C VAL C 150 40.03 -7.65 8.22
N ASP C 151 40.63 -8.02 9.37
CA ASP C 151 41.94 -8.73 9.48
C ASP C 151 43.05 -7.88 8.84
N ASN C 152 42.89 -6.55 8.86
CA ASN C 152 43.85 -5.52 8.36
C ASN C 152 43.82 -5.42 6.83
N ALA C 153 42.81 -6.01 6.19
CA ALA C 153 42.50 -5.85 4.75
C ALA C 153 41.65 -4.58 4.55
N LEU C 154 42.22 -3.58 3.88
CA LEU C 154 41.54 -2.31 3.46
C LEU C 154 40.48 -2.65 2.40
N GLN C 155 39.23 -2.19 2.58
CA GLN C 155 38.10 -2.49 1.66
C GLN C 155 37.79 -1.32 0.73
N SER C 156 37.22 -1.63 -0.45
CA SER C 156 36.60 -0.66 -1.38
C SER C 156 35.23 -1.16 -1.82
N GLY C 157 34.35 -0.23 -2.21
CA GLY C 157 33.09 -0.47 -2.96
C GLY C 157 32.06 -1.33 -2.23
N ASN C 158 32.21 -1.62 -0.93
CA ASN C 158 31.21 -2.44 -0.17
C ASN C 158 30.73 -1.68 1.09
N SER C 159 30.80 -0.35 1.07
CA SER C 159 30.28 0.50 2.16
C SER C 159 29.51 1.70 1.59
N GLN C 160 28.56 2.23 2.35
CA GLN C 160 27.82 3.47 2.03
C GLN C 160 27.77 4.33 3.28
N GLU C 161 27.91 5.65 3.13
CA GLU C 161 27.79 6.59 4.27
C GLU C 161 26.57 7.50 4.08
N SER C 162 26.04 7.98 5.20
CA SER C 162 24.89 8.91 5.31
C SER C 162 25.31 10.03 6.27
N VAL C 163 24.98 11.29 5.94
CA VAL C 163 25.39 12.49 6.73
C VAL C 163 24.14 13.29 7.13
N THR C 164 23.97 13.58 8.41
CA THR C 164 22.88 14.45 8.91
C THR C 164 23.11 15.87 8.37
N GLU C 165 22.05 16.68 8.38
CA GLU C 165 22.12 18.12 8.08
C GLU C 165 22.70 18.79 9.33
N GLN C 166 23.34 19.93 9.16
CA GLN C 166 24.02 20.66 10.25
C GLN C 166 23.02 20.88 11.39
N ASP C 167 23.38 20.44 12.59
CA ASP C 167 22.56 20.59 13.82
C ASP C 167 22.30 22.10 14.08
N SER C 168 21.08 22.46 14.47
CA SER C 168 20.63 23.87 14.64
C SER C 168 21.05 24.41 16.02
N LYS C 169 21.52 23.56 16.94
CA LYS C 169 22.03 23.93 18.30
C LYS C 169 23.53 24.25 18.20
N ASP C 170 24.36 23.23 17.96
CA ASP C 170 25.84 23.31 18.06
C ASP C 170 26.50 23.20 16.68
N SER C 171 25.73 23.34 15.59
CA SER C 171 26.23 23.50 14.19
C SER C 171 27.13 22.34 13.74
N THR C 172 26.97 21.14 14.30
CA THR C 172 27.80 19.95 13.96
C THR C 172 27.07 19.02 12.98
N TYR C 173 27.81 18.04 12.46
CA TYR C 173 27.36 16.96 11.54
C TYR C 173 27.58 15.61 12.21
N SER C 174 26.72 14.64 11.90
CA SER C 174 26.99 13.21 12.18
C SER C 174 27.02 12.42 10.87
N LEU C 175 27.72 11.30 10.87
CA LEU C 175 27.96 10.46 9.67
C LEU C 175 27.88 9.00 10.11
N SER C 176 27.21 8.16 9.31
CA SER C 176 27.11 6.70 9.49
C SER C 176 27.71 5.99 8.28
N SER C 177 28.67 5.11 8.50
CA SER C 177 29.28 4.23 7.46
C SER C 177 28.80 2.81 7.74
N THR C 178 28.21 2.17 6.73
CA THR C 178 27.67 0.80 6.81
C THR C 178 28.49 -0.05 5.84
N LEU C 179 29.22 -1.04 6.37
CA LEU C 179 29.97 -2.05 5.60
C LEU C 179 29.05 -3.26 5.45
N THR C 180 28.68 -3.59 4.22
CA THR C 180 27.77 -4.72 3.91
C THR C 180 28.58 -5.82 3.23
N LEU C 181 28.52 -7.03 3.76
CA LEU C 181 29.11 -8.26 3.16
C LEU C 181 28.35 -9.48 3.68
N SER C 182 28.52 -10.63 3.01
CA SER C 182 27.76 -11.89 3.26
C SER C 182 28.04 -12.46 4.66
N LYS C 183 27.13 -13.28 5.17
CA LYS C 183 27.33 -14.05 6.43
C LYS C 183 28.56 -14.95 6.27
N ALA C 184 28.73 -15.54 5.07
CA ALA C 184 29.94 -16.31 4.67
C ALA C 184 31.19 -15.44 4.89
N ASP C 185 31.37 -14.39 4.06
CA ASP C 185 32.55 -13.49 4.05
C ASP C 185 32.84 -12.92 5.44
N TYR C 186 31.80 -12.75 6.27
CA TYR C 186 31.90 -12.20 7.66
C TYR C 186 32.55 -13.25 8.58
N GLU C 187 32.04 -14.48 8.57
CA GLU C 187 32.42 -15.55 9.54
C GLU C 187 33.79 -16.17 9.17
N LYS C 188 34.31 -15.90 7.96
CA LYS C 188 35.70 -16.24 7.56
C LYS C 188 36.68 -15.48 8.48
N HIS C 189 36.52 -14.16 8.58
CA HIS C 189 37.43 -13.22 9.28
C HIS C 189 36.97 -13.00 10.72
N LYS C 190 37.74 -12.30 11.57
CA LYS C 190 37.46 -12.18 13.04
C LYS C 190 37.64 -10.74 13.57
N VAL C 191 38.58 -9.95 13.05
CA VAL C 191 38.85 -8.55 13.52
C VAL C 191 38.29 -7.53 12.52
N TYR C 192 37.27 -6.75 12.93
CA TYR C 192 36.64 -5.66 12.14
C TYR C 192 36.89 -4.31 12.82
N ALA C 193 37.26 -3.30 12.02
CA ALA C 193 37.70 -1.96 12.48
C ALA C 193 37.35 -0.89 11.44
N CYS C 194 36.98 0.32 11.88
CA CYS C 194 36.90 1.53 11.01
C CYS C 194 37.89 2.58 11.51
N GLU C 195 38.55 3.27 10.57
CA GLU C 195 39.64 4.25 10.82
C GLU C 195 39.20 5.63 10.33
N VAL C 196 39.06 6.59 11.26
CA VAL C 196 38.45 7.92 10.98
C VAL C 196 39.54 9.00 10.93
N THR C 197 39.70 9.63 9.76
CA THR C 197 40.60 10.78 9.53
C THR C 197 39.75 12.06 9.43
N HIS C 198 40.07 13.06 10.25
CA HIS C 198 39.30 14.34 10.38
C HIS C 198 40.21 15.50 10.79
N GLN C 199 39.86 16.73 10.39
CA GLN C 199 40.66 17.97 10.61
C GLN C 199 40.97 18.13 12.11
N GLY C 200 40.03 17.77 12.98
CA GLY C 200 40.11 17.92 14.44
C GLY C 200 40.86 16.80 15.14
N LEU C 201 41.34 15.80 14.39
CA LEU C 201 42.22 14.71 14.92
C LEU C 201 43.64 14.85 14.36
N SER C 202 44.64 14.56 15.19
CA SER C 202 46.10 14.57 14.87
C SER C 202 46.54 13.16 14.43
N SER C 203 46.09 12.13 15.16
CA SER C 203 46.23 10.69 14.84
C SER C 203 44.91 10.16 14.30
N PRO C 204 44.85 9.60 13.07
CA PRO C 204 43.70 8.80 12.64
C PRO C 204 43.20 7.83 13.73
N VAL C 205 42.05 8.17 14.33
CA VAL C 205 41.34 7.35 15.36
C VAL C 205 40.81 6.08 14.69
N THR C 206 41.28 4.92 15.16
CA THR C 206 40.73 3.58 14.84
C THR C 206 39.74 3.21 15.94
N LYS C 207 38.79 2.33 15.62
CA LYS C 207 37.79 1.77 16.58
C LYS C 207 37.34 0.43 15.99
N SER C 208 37.30 -0.63 16.81
CA SER C 208 37.29 -2.04 16.31
C SER C 208 36.73 -3.00 17.35
N PHE C 209 36.50 -4.25 16.92
CA PHE C 209 35.93 -5.35 17.75
C PHE C 209 36.39 -6.71 17.20
N ASN C 210 36.15 -7.76 17.99
CA ASN C 210 36.36 -9.19 17.66
C ASN C 210 35.04 -9.94 17.88
N ARG C 211 34.72 -10.92 17.04
CA ARG C 211 33.48 -11.74 17.14
C ARG C 211 33.55 -12.64 18.38
N GLU D 1 -1.41 28.79 14.71
CA GLU D 1 -2.91 28.73 14.76
C GLU D 1 -3.47 28.29 13.39
N VAL D 2 -2.88 28.77 12.29
CA VAL D 2 -3.14 28.28 10.89
C VAL D 2 -2.58 26.86 10.75
N GLN D 3 -3.43 25.89 10.41
CA GLN D 3 -3.07 24.46 10.11
C GLN D 3 -3.36 24.16 8.63
N LEU D 4 -2.42 23.48 7.97
CA LEU D 4 -2.62 22.88 6.63
C LEU D 4 -2.11 21.43 6.69
N VAL D 5 -2.95 20.44 6.35
CA VAL D 5 -2.65 19.00 6.56
C VAL D 5 -2.90 18.27 5.24
N GLU D 6 -1.81 18.01 4.50
CA GLU D 6 -1.83 17.24 3.22
C GLU D 6 -1.99 15.76 3.57
N SER D 7 -2.69 15.02 2.71
CA SER D 7 -2.86 13.55 2.81
C SER D 7 -3.13 13.00 1.40
N GLY D 8 -3.01 11.66 1.26
CA GLY D 8 -3.25 10.94 -0.01
C GLY D 8 -1.95 10.50 -0.66
N GLY D 9 -0.80 10.86 -0.06
CA GLY D 9 0.54 10.46 -0.53
C GLY D 9 0.73 8.96 -0.53
N GLY D 10 1.57 8.45 -1.43
CA GLY D 10 2.06 7.05 -1.38
C GLY D 10 2.61 6.58 -2.72
N LEU D 11 2.70 5.26 -2.89
CA LEU D 11 3.26 4.59 -4.09
C LEU D 11 2.18 4.52 -5.17
N VAL D 12 2.50 4.90 -6.41
CA VAL D 12 1.59 4.81 -7.59
C VAL D 12 2.40 4.36 -8.80
N GLN D 13 1.79 3.56 -9.67
CA GLN D 13 2.35 3.10 -10.97
C GLN D 13 2.55 4.31 -11.88
N PRO D 14 3.69 4.43 -12.60
CA PRO D 14 3.78 5.36 -13.73
C PRO D 14 2.52 5.28 -14.60
N GLY D 15 2.00 6.42 -15.02
CA GLY D 15 0.80 6.52 -15.89
C GLY D 15 -0.47 6.52 -15.06
N GLY D 16 -0.37 6.22 -13.76
CA GLY D 16 -1.54 6.09 -12.86
C GLY D 16 -2.01 7.44 -12.35
N SER D 17 -2.91 7.42 -11.37
CA SER D 17 -3.62 8.60 -10.83
C SER D 17 -3.59 8.57 -9.31
N LEU D 18 -3.61 9.75 -8.69
CA LEU D 18 -3.62 9.91 -7.22
C LEU D 18 -4.22 11.28 -6.90
N LYS D 19 -5.00 11.34 -5.83
CA LYS D 19 -5.67 12.57 -5.34
C LYS D 19 -5.11 12.93 -3.97
N LEU D 20 -4.41 14.07 -3.92
CA LEU D 20 -3.97 14.68 -2.64
C LEU D 20 -5.07 15.63 -2.16
N SER D 21 -5.28 15.61 -0.84
CA SER D 21 -6.20 16.47 -0.05
C SER D 21 -5.38 17.36 0.90
N CYS D 22 -5.90 18.55 1.19
CA CYS D 22 -5.30 19.54 2.12
C CYS D 22 -6.42 20.09 3.02
N ALA D 23 -6.43 19.68 4.29
CA ALA D 23 -7.43 20.06 5.31
C ALA D 23 -6.93 21.33 6.00
N ALA D 24 -7.52 22.48 5.65
CA ALA D 24 -7.16 23.83 6.17
C ALA D 24 -8.06 24.21 7.34
N SER D 25 -7.52 24.97 8.29
CA SER D 25 -8.23 25.54 9.46
C SER D 25 -7.46 26.78 9.96
N GLY D 26 -8.13 27.63 10.74
CA GLY D 26 -7.54 28.82 11.39
C GLY D 26 -7.46 30.02 10.45
N PHE D 27 -8.26 30.04 9.38
CA PHE D 27 -8.35 31.21 8.45
C PHE D 27 -9.60 31.05 7.57
N THR D 28 -10.06 32.18 7.00
CA THR D 28 -11.28 32.27 6.17
C THR D 28 -10.97 31.62 4.83
N PHE D 29 -11.12 30.29 4.76
CA PHE D 29 -10.59 29.46 3.64
C PHE D 29 -10.90 30.11 2.29
N SER D 30 -12.16 30.53 2.08
CA SER D 30 -12.69 30.95 0.76
C SER D 30 -11.97 32.19 0.22
N ASN D 31 -11.40 33.04 1.09
CA ASN D 31 -10.78 34.31 0.62
C ASN D 31 -9.39 34.05 0.04
N TYR D 32 -8.74 32.95 0.44
CA TYR D 32 -7.33 32.64 0.14
C TYR D 32 -7.25 31.87 -1.18
N TRP D 33 -6.16 32.11 -1.91
CA TRP D 33 -5.77 31.33 -3.11
C TRP D 33 -4.93 30.14 -2.62
N MET D 34 -5.41 28.91 -2.81
CA MET D 34 -4.65 27.69 -2.42
C MET D 34 -3.64 27.36 -3.53
N ASN D 35 -2.39 27.08 -3.12
CA ASN D 35 -1.27 26.67 -4.03
C ASN D 35 -0.77 25.28 -3.64
N TRP D 36 -0.26 24.56 -4.64
CA TRP D 36 0.53 23.32 -4.47
C TRP D 36 1.95 23.61 -4.95
N VAL D 37 2.92 23.30 -4.10
CA VAL D 37 4.38 23.35 -4.38
C VAL D 37 4.95 21.96 -4.06
N ARG D 38 5.98 21.52 -4.80
CA ARG D 38 6.58 20.18 -4.57
C ARG D 38 8.10 20.27 -4.54
N GLN D 39 8.72 19.24 -3.97
CA GLN D 39 10.19 19.14 -3.83
C GLN D 39 10.63 17.67 -3.98
N ALA D 40 11.37 17.36 -5.04
CA ALA D 40 12.10 16.09 -5.21
C ALA D 40 13.20 16.05 -4.13
N SER D 41 13.53 14.88 -3.60
CA SER D 41 14.50 14.73 -2.47
C SER D 41 15.85 15.36 -2.85
N GLY D 42 16.40 16.19 -1.96
CA GLY D 42 17.65 16.94 -2.17
C GLY D 42 17.61 17.86 -3.38
N LYS D 43 16.43 18.41 -3.72
CA LYS D 43 16.25 19.32 -4.88
C LYS D 43 15.49 20.56 -4.41
N GLY D 44 15.21 21.48 -5.34
CA GLY D 44 14.57 22.77 -5.06
C GLY D 44 13.06 22.66 -4.94
N LEU D 45 12.45 23.74 -4.44
CA LEU D 45 10.99 23.96 -4.47
C LEU D 45 10.60 24.19 -5.93
N GLU D 46 9.47 23.60 -6.33
CA GLU D 46 8.88 23.69 -7.70
C GLU D 46 7.39 24.01 -7.50
N TRP D 47 6.94 25.12 -8.10
CA TRP D 47 5.51 25.52 -8.10
C TRP D 47 4.74 24.57 -9.03
N VAL D 48 3.59 24.08 -8.56
CA VAL D 48 2.68 23.16 -9.31
C VAL D 48 1.55 24.01 -9.89
N GLY D 49 0.79 24.71 -9.04
CA GLY D 49 -0.33 25.55 -9.50
C GLY D 49 -1.03 26.31 -8.39
N GLU D 50 -2.01 27.14 -8.79
CA GLU D 50 -2.83 27.99 -7.89
C GLU D 50 -4.30 27.93 -8.32
N ILE D 51 -5.19 27.81 -7.35
CA ILE D 51 -6.65 28.03 -7.56
C ILE D 51 -7.06 29.33 -6.85
N ARG D 52 -7.62 30.27 -7.62
CA ARG D 52 -8.21 31.50 -7.06
C ARG D 52 -9.56 31.14 -6.44
N SER D 53 -10.27 32.12 -5.89
CA SER D 53 -11.47 31.91 -5.04
C SER D 53 -12.74 31.88 -5.91
N LYS D 54 -13.87 31.54 -5.29
CA LYS D 54 -15.22 31.56 -5.92
C LYS D 54 -15.38 32.82 -6.80
N SER D 55 -15.15 34.00 -6.22
CA SER D 55 -15.36 35.33 -6.86
C SER D 55 -14.45 35.54 -8.08
N ASN D 56 -13.35 34.77 -8.18
CA ASN D 56 -12.40 34.80 -9.33
C ASN D 56 -12.82 33.74 -10.36
N ASN D 57 -14.01 33.16 -10.19
CA ASN D 57 -14.53 32.00 -10.97
C ASN D 57 -13.51 30.85 -10.86
N TYR D 58 -12.99 30.63 -9.65
CA TYR D 58 -12.09 29.49 -9.30
C TYR D 58 -11.02 29.31 -10.38
N ALA D 59 -10.39 30.40 -10.85
CA ALA D 59 -9.38 30.32 -11.93
C ALA D 59 -8.20 29.48 -11.45
N THR D 60 -7.77 28.52 -12.27
CA THR D 60 -6.63 27.60 -12.00
C THR D 60 -5.45 27.98 -12.89
N HIS D 61 -4.24 27.95 -12.35
CA HIS D 61 -2.98 28.17 -13.11
C HIS D 61 -1.94 27.13 -12.71
N TYR D 62 -1.25 26.57 -13.70
CA TYR D 62 -0.37 25.39 -13.54
C TYR D 62 0.99 25.72 -14.15
N ALA D 63 2.06 25.22 -13.51
CA ALA D 63 3.41 25.12 -14.09
C ALA D 63 3.36 24.30 -15.39
N GLU D 64 4.19 24.65 -16.37
CA GLU D 64 4.21 24.02 -17.71
C GLU D 64 4.46 22.51 -17.59
N SER D 65 5.29 22.08 -16.62
CA SER D 65 5.66 20.66 -16.40
C SER D 65 4.44 19.79 -16.06
N VAL D 66 3.34 20.38 -15.54
CA VAL D 66 2.12 19.62 -15.09
C VAL D 66 0.87 20.03 -15.88
N LYS D 67 0.93 21.08 -16.71
CA LYS D 67 -0.23 21.60 -17.50
C LYS D 67 -0.82 20.45 -18.33
N GLY D 68 -2.10 20.12 -18.09
CA GLY D 68 -2.88 19.12 -18.84
C GLY D 68 -2.84 17.73 -18.22
N ARG D 69 -2.19 17.57 -17.07
CA ARG D 69 -2.09 16.27 -16.34
C ARG D 69 -2.65 16.43 -14.93
N PHE D 70 -2.50 17.62 -14.35
CA PHE D 70 -2.85 17.93 -12.94
C PHE D 70 -4.06 18.89 -12.92
N THR D 71 -4.98 18.67 -12.00
CA THR D 71 -6.14 19.55 -11.74
C THR D 71 -6.12 19.94 -10.27
N ILE D 72 -6.09 21.24 -9.97
CA ILE D 72 -6.33 21.73 -8.57
C ILE D 72 -7.82 22.03 -8.44
N SER D 73 -8.38 21.70 -7.27
CA SER D 73 -9.79 22.03 -6.95
C SER D 73 -9.86 22.35 -5.46
N ARG D 74 -10.98 22.94 -5.03
CA ARG D 74 -11.23 23.32 -3.62
C ARG D 74 -12.71 23.11 -3.32
N ASP D 75 -12.99 22.72 -2.08
CA ASP D 75 -14.36 22.61 -1.50
C ASP D 75 -14.41 23.51 -0.26
N ASP D 76 -14.94 24.72 -0.43
CA ASP D 76 -14.96 25.77 0.63
C ASP D 76 -15.77 25.27 1.83
N SER D 77 -16.86 24.52 1.60
CA SER D 77 -17.79 24.06 2.65
C SER D 77 -17.04 23.25 3.72
N LYS D 78 -16.00 22.52 3.32
CA LYS D 78 -15.23 21.65 4.26
C LYS D 78 -13.75 22.05 4.26
N ASN D 79 -13.44 23.25 3.76
CA ASN D 79 -12.14 23.95 3.94
C ASN D 79 -10.99 23.04 3.48
N THR D 80 -11.03 22.62 2.22
CA THR D 80 -10.14 21.57 1.68
C THR D 80 -9.84 21.92 0.23
N ALA D 81 -8.56 21.84 -0.13
CA ALA D 81 -8.08 21.95 -1.53
C ALA D 81 -7.58 20.57 -1.95
N TYR D 82 -7.52 20.36 -3.25
CA TYR D 82 -7.25 19.03 -3.86
C TYR D 82 -6.27 19.22 -5.01
N LEU D 83 -5.40 18.23 -5.18
CA LEU D 83 -4.54 18.08 -6.37
C LEU D 83 -4.84 16.70 -6.96
N GLN D 84 -5.48 16.71 -8.13
CA GLN D 84 -5.78 15.49 -8.91
C GLN D 84 -4.65 15.30 -9.92
N MET D 85 -3.80 14.29 -9.68
CA MET D 85 -2.63 13.98 -10.53
C MET D 85 -3.01 12.81 -11.45
N ASN D 86 -2.85 13.00 -12.77
CA ASN D 86 -3.08 11.96 -13.81
C ASN D 86 -1.81 11.79 -14.64
N SER D 87 -1.71 10.69 -15.40
CA SER D 87 -0.61 10.43 -16.35
C SER D 87 0.75 10.61 -15.65
N LEU D 88 0.86 10.13 -14.40
CA LEU D 88 2.00 10.42 -13.49
C LEU D 88 3.27 9.85 -14.10
N LYS D 89 4.39 10.58 -13.94
CA LYS D 89 5.74 10.19 -14.41
C LYS D 89 6.65 9.96 -13.19
N THR D 90 7.73 9.20 -13.34
CA THR D 90 8.78 9.06 -12.28
C THR D 90 9.22 10.46 -11.80
N GLU D 91 9.36 11.42 -12.73
CA GLU D 91 9.79 12.82 -12.45
C GLU D 91 8.84 13.53 -11.48
N ASP D 92 7.58 13.09 -11.34
CA ASP D 92 6.57 13.72 -10.44
C ASP D 92 6.79 13.25 -8.99
N THR D 93 7.73 12.33 -8.75
CA THR D 93 8.12 11.86 -7.41
C THR D 93 8.65 13.06 -6.64
N ALA D 94 8.03 13.33 -5.48
CA ALA D 94 8.36 14.49 -4.61
C ALA D 94 7.49 14.45 -3.35
N VAL D 95 7.88 15.28 -2.38
CA VAL D 95 6.96 15.73 -1.30
C VAL D 95 6.09 16.86 -1.89
N TYR D 96 4.79 16.76 -1.68
CA TYR D 96 3.78 17.75 -2.16
C TYR D 96 3.28 18.50 -0.95
N TYR D 97 3.36 19.83 -1.05
CA TYR D 97 3.03 20.86 -0.03
C TYR D 97 1.87 21.71 -0.55
N CYS D 98 0.96 21.99 0.37
CA CYS D 98 -0.24 22.81 0.15
C CYS D 98 -0.06 24.14 0.89
N SER D 99 -0.52 25.22 0.28
CA SER D 99 -0.21 26.61 0.73
C SER D 99 -1.45 27.48 0.58
N ASN D 100 -1.63 28.43 1.51
CA ASN D 100 -2.58 29.57 1.38
C ASN D 100 -1.80 30.84 0.95
N ARG D 101 -0.59 30.65 0.39
CA ARG D 101 0.38 31.70 0.00
C ARG D 101 1.21 32.17 1.20
N TYR D 102 0.75 31.94 2.45
CA TYR D 102 1.39 32.44 3.69
C TYR D 102 1.90 31.30 4.59
N TYR D 103 1.25 30.13 4.59
CA TYR D 103 1.73 28.93 5.31
C TYR D 103 1.74 27.69 4.40
N TYR D 104 2.63 26.74 4.76
CA TYR D 104 2.81 25.40 4.17
C TYR D 104 2.46 24.34 5.23
N GLY D 105 1.79 23.25 4.81
CA GLY D 105 1.61 22.04 5.63
C GLY D 105 2.91 21.24 5.74
N GLN D 106 2.88 20.12 6.46
CA GLN D 106 4.06 19.24 6.71
C GLN D 106 4.41 18.45 5.43
N GLY D 107 3.49 18.38 4.46
CA GLY D 107 3.74 17.82 3.13
C GLY D 107 3.49 16.32 3.08
N THR D 108 3.28 15.77 1.88
CA THR D 108 2.94 14.33 1.68
C THR D 108 3.77 13.80 0.51
N LEU D 109 4.43 12.65 0.70
CA LEU D 109 5.32 12.01 -0.30
C LEU D 109 4.51 11.21 -1.34
N VAL D 110 4.79 11.49 -2.60
CA VAL D 110 4.26 10.73 -3.77
C VAL D 110 5.47 10.09 -4.45
N THR D 111 5.47 8.76 -4.52
CA THR D 111 6.51 7.94 -5.18
C THR D 111 5.84 7.30 -6.39
N VAL D 112 6.25 7.71 -7.59
CA VAL D 112 5.77 7.16 -8.89
C VAL D 112 6.78 6.12 -9.36
N SER D 113 6.45 4.83 -9.24
CA SER D 113 7.38 3.68 -9.43
C SER D 113 6.58 2.39 -9.67
N SER D 114 7.14 1.47 -10.46
CA SER D 114 6.59 0.10 -10.69
C SER D 114 7.16 -0.90 -9.68
N ALA D 115 8.15 -0.50 -8.88
CA ALA D 115 8.75 -1.39 -7.86
C ALA D 115 7.73 -1.66 -6.73
N SER D 116 7.80 -2.87 -6.19
CA SER D 116 6.93 -3.39 -5.10
C SER D 116 7.29 -2.74 -3.76
N THR D 117 6.29 -2.49 -2.94
CA THR D 117 6.35 -2.19 -1.49
C THR D 117 7.03 -3.34 -0.74
N LYS D 118 8.10 -3.07 0.01
CA LYS D 118 8.78 -4.08 0.87
C LYS D 118 8.96 -3.52 2.27
N GLY D 119 8.62 -4.31 3.28
CA GLY D 119 8.76 -3.97 4.70
C GLY D 119 10.22 -4.07 5.13
N PRO D 120 10.68 -3.15 6.00
CA PRO D 120 12.06 -3.21 6.52
C PRO D 120 12.24 -4.31 7.59
N SER D 121 13.49 -4.79 7.71
CA SER D 121 13.99 -5.50 8.91
C SER D 121 14.64 -4.46 9.84
N VAL D 122 14.39 -4.57 11.15
CA VAL D 122 14.94 -3.63 12.18
C VAL D 122 15.89 -4.42 13.09
N PHE D 123 17.19 -4.08 13.02
CA PHE D 123 18.29 -4.71 13.81
C PHE D 123 18.76 -3.71 14.85
N PRO D 124 19.14 -4.20 16.05
CA PRO D 124 19.69 -3.33 17.10
C PRO D 124 21.17 -3.01 16.82
N LEU D 125 21.58 -1.78 17.13
CA LEU D 125 23.00 -1.36 17.21
C LEU D 125 23.35 -1.20 18.68
N ALA D 126 23.97 -2.22 19.28
CA ALA D 126 24.17 -2.38 20.74
C ALA D 126 25.36 -1.55 21.22
N PRO D 127 25.25 -0.92 22.41
CA PRO D 127 26.41 -0.29 23.07
C PRO D 127 27.39 -1.28 23.70
N SER D 128 28.62 -0.83 24.02
CA SER D 128 29.74 -1.66 24.58
C SER D 128 30.96 -0.81 24.93
N SER D 129 31.50 -0.99 26.16
CA SER D 129 32.77 -0.38 26.69
C SER D 129 32.59 1.12 26.97
N THR D 136 29.58 9.13 27.83
CA THR D 136 28.32 8.91 27.07
C THR D 136 28.52 7.77 26.05
N ALA D 137 27.62 6.79 26.06
CA ALA D 137 27.57 5.63 25.15
C ALA D 137 26.70 5.98 23.92
N ALA D 138 26.79 5.17 22.84
CA ALA D 138 26.00 5.31 21.59
C ALA D 138 25.24 4.02 21.33
N LEU D 139 23.93 4.10 21.06
CA LEU D 139 23.07 2.93 20.68
C LEU D 139 22.14 3.38 19.54
N GLY D 140 21.52 2.44 18.84
CA GLY D 140 20.73 2.77 17.64
C GLY D 140 19.89 1.62 17.08
N CYS D 141 19.26 1.88 15.94
CA CYS D 141 18.50 0.92 15.13
C CYS D 141 18.96 1.00 13.67
N LEU D 142 19.16 -0.17 13.06
CA LEU D 142 19.35 -0.34 11.59
C LEU D 142 18.03 -0.78 10.97
N VAL D 143 17.40 0.12 10.20
CA VAL D 143 16.19 -0.15 9.38
C VAL D 143 16.66 -0.48 7.96
N LYS D 144 16.64 -1.75 7.60
CA LYS D 144 17.28 -2.26 6.35
C LYS D 144 16.23 -2.82 5.38
N ASP D 145 16.45 -2.54 4.08
CA ASP D 145 15.81 -3.22 2.92
C ASP D 145 14.31 -2.89 2.92
N TYR D 146 13.95 -1.64 2.63
CA TYR D 146 12.53 -1.20 2.55
C TYR D 146 12.33 -0.36 1.29
N PHE D 147 11.10 -0.30 0.82
CA PHE D 147 10.65 0.49 -0.35
C PHE D 147 9.14 0.67 -0.23
N PRO D 148 8.59 1.88 -0.48
CA PRO D 148 9.39 3.07 -0.74
C PRO D 148 9.70 3.81 0.56
N GLU D 149 10.25 5.02 0.41
CA GLU D 149 10.30 6.06 1.47
C GLU D 149 8.88 6.42 1.84
N PRO D 150 8.62 6.98 3.04
CA PRO D 150 9.61 7.06 4.11
C PRO D 150 9.43 6.05 5.24
N VAL D 151 10.44 5.92 6.12
CA VAL D 151 10.27 5.33 7.48
C VAL D 151 10.43 6.45 8.52
N THR D 152 9.69 6.39 9.62
CA THR D 152 9.91 7.27 10.81
C THR D 152 10.55 6.42 11.91
N VAL D 153 11.47 7.02 12.66
CA VAL D 153 11.99 6.43 13.93
C VAL D 153 11.79 7.48 15.03
N SER D 154 11.08 7.09 16.08
CA SER D 154 11.13 7.77 17.38
C SER D 154 11.78 6.80 18.37
N TRP D 155 12.12 7.29 19.55
CA TRP D 155 12.78 6.54 20.64
C TRP D 155 11.95 6.65 21.93
N ASN D 156 11.67 5.53 22.60
CA ASN D 156 10.83 5.47 23.82
C ASN D 156 9.57 6.33 23.59
N SER D 157 8.94 6.19 22.41
CA SER D 157 7.60 6.71 22.03
C SER D 157 7.56 8.26 22.05
N GLY D 158 8.67 8.91 21.68
CA GLY D 158 8.75 10.38 21.59
C GLY D 158 9.32 11.02 22.85
N ALA D 159 9.50 10.24 23.93
CA ALA D 159 10.01 10.74 25.24
C ALA D 159 11.52 11.04 25.15
N LEU D 160 12.24 10.40 24.23
CA LEU D 160 13.70 10.57 24.05
C LEU D 160 13.99 11.30 22.72
N THR D 161 14.35 12.58 22.79
CA THR D 161 14.65 13.45 21.62
C THR D 161 16.05 14.08 21.74
N SER D 162 16.70 14.00 22.91
CA SER D 162 18.06 14.54 23.16
C SER D 162 19.13 13.60 22.61
N GLY D 163 19.97 14.10 21.70
CA GLY D 163 21.15 13.39 21.16
C GLY D 163 20.77 12.29 20.17
N VAL D 164 19.59 12.41 19.55
CA VAL D 164 19.06 11.46 18.52
C VAL D 164 19.53 11.96 17.15
N HIS D 165 20.05 11.05 16.32
CA HIS D 165 20.41 11.30 14.89
C HIS D 165 19.78 10.21 14.02
N THR D 166 18.71 10.55 13.32
CA THR D 166 18.15 9.72 12.24
C THR D 166 18.80 10.17 10.94
N PHE D 167 19.66 9.34 10.39
CA PHE D 167 20.41 9.62 9.13
C PHE D 167 19.44 9.63 7.95
N PRO D 168 19.74 10.39 6.88
CA PRO D 168 19.09 10.20 5.59
C PRO D 168 19.18 8.75 5.09
N ALA D 169 18.10 8.24 4.52
CA ALA D 169 18.04 6.92 3.86
C ALA D 169 19.05 6.89 2.71
N VAL D 170 19.75 5.77 2.55
CA VAL D 170 20.65 5.49 1.40
C VAL D 170 19.95 4.48 0.51
N LEU D 171 19.89 4.77 -0.78
CA LEU D 171 19.47 3.85 -1.87
C LEU D 171 20.62 2.87 -2.08
N GLN D 172 20.39 1.58 -1.81
CA GLN D 172 21.39 0.48 -2.00
C GLN D 172 21.44 0.06 -3.47
N SER D 173 22.46 -0.71 -3.84
CA SER D 173 22.63 -1.37 -5.17
C SER D 173 21.35 -2.14 -5.57
N SER D 174 20.72 -2.84 -4.62
CA SER D 174 19.44 -3.59 -4.77
C SER D 174 18.28 -2.68 -5.20
N GLY D 175 18.34 -1.36 -4.94
CA GLY D 175 17.23 -0.41 -5.18
C GLY D 175 16.28 -0.33 -4.00
N LEU D 176 16.57 -1.07 -2.91
CA LEU D 176 15.92 -0.95 -1.58
C LEU D 176 16.66 0.09 -0.71
N TYR D 177 15.92 0.69 0.20
CA TYR D 177 16.42 1.76 1.10
C TYR D 177 16.94 1.12 2.40
N SER D 178 17.88 1.78 3.05
CA SER D 178 18.20 1.51 4.47
C SER D 178 18.58 2.82 5.16
N LEU D 179 18.28 2.95 6.44
CA LEU D 179 18.85 4.05 7.25
C LEU D 179 19.10 3.56 8.67
N SER D 180 19.83 4.35 9.43
CA SER D 180 20.13 4.12 10.86
C SER D 180 19.58 5.28 11.69
N SER D 181 18.99 4.95 12.84
CA SER D 181 18.73 5.92 13.94
C SER D 181 19.68 5.59 15.07
N VAL D 182 20.46 6.58 15.55
CA VAL D 182 21.35 6.43 16.73
C VAL D 182 21.01 7.52 17.75
N VAL D 183 21.26 7.24 19.02
CA VAL D 183 21.16 8.24 20.12
C VAL D 183 22.40 8.06 21.03
N THR D 184 23.04 9.17 21.41
CA THR D 184 24.02 9.20 22.53
C THR D 184 23.24 9.41 23.85
N VAL D 185 23.59 8.64 24.88
CA VAL D 185 22.97 8.71 26.23
C VAL D 185 24.08 8.61 27.28
N PRO D 186 23.83 9.03 28.55
CA PRO D 186 24.78 8.78 29.64
C PRO D 186 24.94 7.27 29.89
N SER D 187 26.17 6.77 30.05
CA SER D 187 26.43 5.34 30.34
C SER D 187 26.02 5.01 31.78
N SER D 188 25.87 6.03 32.63
CA SER D 188 25.28 5.97 34.00
C SER D 188 23.81 5.51 33.94
N SER D 189 23.23 5.34 32.75
CA SER D 189 21.80 4.97 32.52
C SER D 189 21.65 3.61 31.83
N LEU D 190 22.74 3.01 31.33
CA LEU D 190 22.71 1.80 30.46
C LEU D 190 22.10 0.58 31.17
N GLY D 191 22.13 0.53 32.50
CA GLY D 191 21.59 -0.59 33.31
C GLY D 191 20.19 -0.32 33.81
N THR D 192 19.82 0.95 33.98
CA THR D 192 18.54 1.42 34.59
C THR D 192 17.52 1.79 33.49
N GLN D 193 17.91 2.61 32.50
CA GLN D 193 16.99 3.22 31.50
C GLN D 193 16.85 2.31 30.27
N THR D 194 15.62 1.92 29.95
CA THR D 194 15.21 1.04 28.82
C THR D 194 15.05 1.87 27.53
N TYR D 195 15.76 1.48 26.46
CA TYR D 195 15.79 2.18 25.14
C TYR D 195 15.13 1.35 24.04
N ILE D 196 13.99 1.84 23.55
CA ILE D 196 13.19 1.23 22.45
C ILE D 196 13.12 2.23 21.29
N CYS D 197 13.48 1.77 20.08
CA CYS D 197 13.28 2.52 18.82
C CYS D 197 11.96 2.10 18.16
N ASN D 198 11.13 3.09 17.83
CA ASN D 198 9.77 2.93 17.24
C ASN D 198 9.89 3.25 15.75
N VAL D 199 9.94 2.21 14.91
CA VAL D 199 10.02 2.28 13.43
C VAL D 199 8.61 2.16 12.85
N ASN D 200 8.22 3.09 12.00
CA ASN D 200 6.98 3.01 11.18
C ASN D 200 7.35 3.14 9.70
N HIS D 201 6.94 2.16 8.92
CA HIS D 201 6.94 2.18 7.44
C HIS D 201 5.48 2.06 7.01
N LYS D 202 4.76 3.17 6.92
CA LYS D 202 3.31 3.21 6.61
C LYS D 202 3.07 2.49 5.28
N PRO D 203 3.82 2.77 4.18
CA PRO D 203 3.57 2.13 2.89
C PRO D 203 3.38 0.60 2.96
N SER D 204 4.08 -0.09 3.87
CA SER D 204 4.02 -1.56 4.04
C SER D 204 3.19 -1.92 5.27
N ASN D 205 2.55 -0.96 5.91
CA ASN D 205 1.82 -1.20 7.19
C ASN D 205 2.74 -1.84 8.26
N THR D 206 4.06 -1.67 8.23
CA THR D 206 5.00 -2.28 9.23
C THR D 206 5.28 -1.31 10.39
N LYS D 207 4.87 -1.69 11.60
CA LYS D 207 5.23 -1.05 12.88
C LYS D 207 6.07 -2.00 13.75
N VAL D 208 7.33 -1.65 14.01
CA VAL D 208 8.24 -2.47 14.87
C VAL D 208 8.74 -1.59 16.03
N ASP D 209 8.71 -2.16 17.24
CA ASP D 209 9.29 -1.59 18.49
C ASP D 209 10.48 -2.47 18.89
N LYS D 210 11.72 -1.98 18.74
CA LYS D 210 12.94 -2.77 19.06
C LYS D 210 13.62 -2.19 20.31
N LYS D 211 13.71 -3.02 21.37
CA LYS D 211 14.51 -2.76 22.59
C LYS D 211 15.97 -3.05 22.27
N VAL D 212 16.86 -2.05 22.42
CA VAL D 212 18.31 -2.19 22.14
C VAL D 212 19.01 -2.55 23.45
N GLU D 213 19.52 -3.79 23.55
CA GLU D 213 20.23 -4.39 24.72
C GLU D 213 19.42 -4.15 26.00
C13 P15 E . -28.87 -2.47 0.77
O6 P15 E . -29.62 -1.73 -0.18
C12 P15 E . -30.82 -1.32 0.46
C11 P15 E . -31.79 -2.22 -0.21
O5 P15 E . -33.11 -1.90 0.27
C10 P15 E . -34.08 -2.59 -0.53
C9 P15 E . -34.10 -1.97 -1.92
O4 P15 E . -35.44 -1.55 -2.26
C8 P15 E . -35.49 -1.01 -3.56
C7 P15 E . -36.90 -0.48 -3.69
O3 P15 E . -36.85 0.85 -3.13
C6 P15 E . -38.07 1.43 -2.64
C5 P15 E . -37.59 2.28 -1.47
O2 P15 E . -37.54 3.63 -1.94
C4 P15 E . -36.53 4.47 -1.42
C3 P15 E . -36.80 5.82 -2.07
O1 P15 E . -35.76 6.10 -3.06
C2 P15 E . -36.22 6.69 -4.28
C1 P15 E . -35.21 6.28 -5.34
OXT P15 E . -35.83 6.31 -6.67
C13 P15 F . 3.08 29.24 -3.17
O6 P15 F . 2.62 30.61 -3.16
C12 P15 F . 3.28 31.34 -4.15
C11 P15 F . 2.49 32.62 -4.26
O5 P15 F . 3.25 33.66 -3.58
C10 P15 F . 2.94 33.68 -2.21
C9 P15 F . 3.76 34.79 -1.61
O4 P15 F . 3.03 36.02 -1.79
C8 P15 F . 2.04 36.22 -0.77
C7 P15 F . 1.49 37.62 -0.95
O3 P15 F . 0.64 37.60 -2.13
C6 P15 F . -0.75 37.77 -1.86
C5 P15 F . -1.31 38.84 -2.76
O2 P15 F . -1.94 38.22 -3.93
C4 P15 F . -3.12 37.37 -3.90
C3 P15 F . -4.00 37.69 -2.70
O1 P15 F . -4.97 36.63 -2.53
C2 P15 F . -5.92 37.00 -1.53
C1 P15 F . -5.76 36.10 -0.32
OXT P15 F . -5.23 36.85 0.81
#